data_8J3Z
#
_entry.id   8J3Z
#
_cell.length_a   1.00
_cell.length_b   1.00
_cell.length_c   1.00
_cell.angle_alpha   90.00
_cell.angle_beta   90.00
_cell.angle_gamma   90.00
#
_symmetry.space_group_name_H-M   'P 1'
#
loop_
_entity.id
_entity.type
_entity.pdbx_description
1 polymer 'ATP-binding cassette sub-family C member 4'
2 non-polymer "ADENOSINE-5'-TRIPHOSPHATE"
3 non-polymer 'MAGNESIUM ION'
4 non-polymer '(5Z)-7-{(1R,4S,5S,6R)-6-[(1E,3S)-3-hydroxyoct-1-en-1-yl]-2-oxabicyclo[2.2.1]hept-5-yl}hept-5-enoic acid'
#
_entity_poly.entity_id   1
_entity_poly.type   'polypeptide(L)'
_entity_poly.pdbx_seq_one_letter_code
;MLPVYQEVKPNPLQDANLCSRVFFWWLNPLFKIGHKRRLEEDDMYSVLPEDRSQHLGEELQGFWDKEVLRAENDAQKPSL
TRAIIKCYWKSYLVLGIFTLIEESAKVIQPIFLGKIINYFENYDPMDSVALNTAYAYATVLTFCTLILAILHHLYFYHVQ
CAGMRLRVAMCHMIYRKALRLSNMAMGKTTTGQIVNLLSNDVNKFDQVTVFLHFLWAGPLQAIAVTALLWMEIGISCLAG
MAVLIILLPLQSCFGKLFSSLRSKTATFTDARIRTMNEVITGIRIIKMYAWEKSFSNLITNLRKKEISKILRSSCLRGMN
LASFFSASKIIVFVTFTTYVLLGSVITASRVFVAVTLYGAVRLTVTLFFPSAIERVSEAIVSIRRIQTFLLLDEISQRNR
QLPSDGKKMVHVQDFTAFWDKASETPTLQGLSFTVRPGELLAVVGPVGAGKSSLLSAVLGELAPSHGLVSVHGRIAYVSQ
QPWVFSGTLRSNILFGKKYEKERYEKVIKACALKKDLQLLEDGDLTVIGDRGTTLSGGQKARVNLARAVYQDADIYLLDD
PLSAVDAEVSRHLFELCICQILHEKITILVTHQLQYLKAASQILILKDGKMVQKGTYTEFLKSGIDFGSLLKKDNEESEQ
PPVPGTPTLRNRTFSESSVWSQQSSRPSLKDGALESQDTENVPVTLSEENRSEGKVGFQAYKNYFRAGAHWIVFIFLILL
NTAAQVAYVLQDWWLSYWANKQSMLNVTVNGGGNVTEKLDLNWYLGIYSGLTVATVLFGIARSLLVFYVLVNSSQTLHNK
MFESILKAPVLFFDRNPIGRILNRFSKDIGHLDDLLPLTFLDFIQTLLQVVGVVSVAVAVIPWIAIPLVPLGIIFIFLRR
YFLETSRDVKRLESTTRSPVFSHLSSSLQGLWTIRAYKAEERCQELFDAHQDLHSEAWFLFLTTSRWFAVRLDAICAMFV
IIVAFGSLILAKTLDAGQVGLALSYALTLMGMFQWCVRQSAEVENMMISVERVIEYTDLEKEAPWEYQKRPPPAWPHEGV
IIFDNVNFMYSPGGPLVLKHLTALIKSQEKVGIVGRTGAGKSSLISALFRLSEPEGKIWIDKILTTEIGLHDLRKKMSII
PQEPVLFTGTMRKNLDPFNEHTDEELWNALQEVQLKETIEDLPGKMDTELAESGSNFSVGQRQLVCLARAILRKNQILII
DQATANVDPRTDELIQKKIREKFAHCTVLTIAHRLNTIIDSDKIMVLDSGRLKEYDEPYVLLQNKESLFYKMVQQLGKAE
AAALTETAKQVYFKRNYPHIGHTDHMVTNTSNGQPSTLTIFETAL
;
_entity_poly.pdbx_strand_id   A
#
# COMPACT_ATOMS: atom_id res chain seq x y z
N LYS A 9 2.97 18.63 23.27
CA LYS A 9 2.47 19.49 22.21
C LYS A 9 1.04 19.91 22.50
N PRO A 10 0.86 21.06 23.15
CA PRO A 10 -0.49 21.51 23.53
C PRO A 10 -1.28 21.99 22.33
N ASN A 11 -2.43 21.37 22.10
CA ASN A 11 -3.32 21.80 21.03
C ASN A 11 -4.05 23.07 21.42
N PRO A 12 -3.93 24.15 20.64
CA PRO A 12 -4.66 25.37 20.97
C PRO A 12 -6.16 25.20 20.93
N LEU A 13 -6.66 24.13 20.30
CA LEU A 13 -8.10 23.96 20.19
C LEU A 13 -8.74 23.84 21.56
N GLN A 14 -8.10 23.14 22.50
CA GLN A 14 -8.66 23.04 23.85
C GLN A 14 -8.56 24.36 24.60
N ASP A 15 -7.80 25.31 24.10
CA ASP A 15 -7.63 26.63 24.70
C ASP A 15 -8.17 27.72 23.77
N ALA A 16 -9.23 27.40 23.04
CA ALA A 16 -9.79 28.31 22.05
C ALA A 16 -11.29 28.48 22.29
N ASN A 17 -11.73 29.74 22.37
CA ASN A 17 -13.13 30.05 22.54
C ASN A 17 -13.87 29.84 21.23
N LEU A 18 -15.21 29.90 21.31
CA LEU A 18 -16.04 29.61 20.15
C LEU A 18 -15.78 30.58 19.01
N CYS A 19 -15.58 31.86 19.32
CA CYS A 19 -15.36 32.84 18.27
C CYS A 19 -14.10 32.51 17.46
N SER A 20 -13.03 32.12 18.15
CA SER A 20 -11.78 31.77 17.50
C SER A 20 -11.73 30.32 17.06
N ARG A 21 -12.75 29.53 17.39
CA ARG A 21 -12.83 28.16 16.91
C ARG A 21 -13.70 28.05 15.67
N VAL A 22 -14.59 29.01 15.44
CA VAL A 22 -15.36 29.04 14.20
C VAL A 22 -14.51 29.49 13.03
N PHE A 23 -13.70 30.53 13.23
CA PHE A 23 -12.84 31.05 12.19
C PHE A 23 -11.44 30.48 12.23
N PHE A 24 -11.17 29.53 13.12
CA PHE A 24 -9.87 28.89 13.24
C PHE A 24 -8.77 29.91 13.50
N TRP A 25 -9.09 30.93 14.30
CA TRP A 25 -8.08 31.90 14.68
C TRP A 25 -6.96 31.25 15.46
N TRP A 26 -7.28 30.22 16.25
CA TRP A 26 -6.29 29.55 17.07
C TRP A 26 -5.15 28.97 16.26
N LEU A 27 -5.39 28.67 14.98
CA LEU A 27 -4.37 28.08 14.14
C LEU A 27 -3.38 29.12 13.63
N ASN A 28 -3.69 30.41 13.74
CA ASN A 28 -2.81 31.43 13.20
C ASN A 28 -1.37 31.33 13.70
N PRO A 29 -1.08 31.05 14.97
CA PRO A 29 0.33 30.87 15.37
C PRO A 29 1.07 29.85 14.52
N LEU A 30 0.51 28.67 14.29
CA LEU A 30 1.21 27.66 13.51
C LEU A 30 1.58 28.19 12.14
N PHE A 31 0.66 28.90 11.50
CA PHE A 31 0.96 29.46 10.19
C PHE A 31 2.15 30.40 10.26
N LYS A 32 2.19 31.25 11.30
CA LYS A 32 3.33 32.14 11.46
C LYS A 32 4.64 31.36 11.56
N ILE A 33 4.60 30.15 12.10
CA ILE A 33 5.80 29.32 12.14
C ILE A 33 6.17 28.82 10.75
N GLY A 34 5.17 28.37 9.98
CA GLY A 34 5.49 27.70 8.73
C GLY A 34 5.83 28.62 7.59
N HIS A 35 5.52 29.91 7.72
CA HIS A 35 5.81 30.85 6.65
C HIS A 35 7.30 31.01 6.44
N LYS A 36 8.08 30.95 7.51
CA LYS A 36 9.53 31.14 7.43
C LYS A 36 10.26 29.81 7.26
N ARG A 37 10.13 28.91 8.23
CA ARG A 37 10.93 27.70 8.28
C ARG A 37 10.08 26.48 7.96
N ARG A 38 10.77 25.39 7.63
CA ARG A 38 10.09 24.14 7.30
C ARG A 38 9.37 23.60 8.50
N LEU A 39 8.21 22.98 8.26
CA LEU A 39 7.47 22.29 9.31
C LEU A 39 7.88 20.83 9.34
N GLU A 40 8.07 20.30 10.54
CA GLU A 40 8.44 18.91 10.74
C GLU A 40 7.50 18.29 11.76
N GLU A 41 7.68 16.99 11.99
CA GLU A 41 6.76 16.23 12.81
C GLU A 41 6.72 16.71 14.26
N ASP A 42 7.54 17.69 14.63
CA ASP A 42 7.49 18.24 15.98
C ASP A 42 6.62 19.47 16.07
N ASP A 43 6.53 20.25 14.99
CA ASP A 43 5.75 21.48 15.04
C ASP A 43 4.27 21.20 15.24
N MET A 44 3.80 20.03 14.83
CA MET A 44 2.39 19.70 14.90
C MET A 44 1.89 19.74 16.35
N TYR A 45 0.59 19.71 16.49
CA TYR A 45 -0.05 19.70 17.79
C TYR A 45 -0.54 18.29 18.10
N SER A 46 -0.42 17.88 19.35
CA SER A 46 -0.98 16.61 19.77
C SER A 46 -2.50 16.66 19.63
N VAL A 47 -3.07 15.56 19.15
CA VAL A 47 -4.51 15.53 18.96
C VAL A 47 -5.19 15.63 20.31
N LEU A 48 -6.42 16.11 20.29
CA LEU A 48 -7.19 16.21 21.52
C LEU A 48 -7.39 14.84 22.13
N PRO A 49 -7.29 14.70 23.45
CA PRO A 49 -7.44 13.39 24.07
C PRO A 49 -8.77 12.73 23.79
N GLU A 50 -9.76 13.46 23.27
CA GLU A 50 -10.98 12.84 22.84
C GLU A 50 -10.84 12.08 21.53
N ASP A 51 -9.75 12.30 20.80
CA ASP A 51 -9.61 11.74 19.46
C ASP A 51 -8.23 11.15 19.22
N ARG A 52 -7.56 10.68 20.26
CA ARG A 52 -6.42 9.81 20.04
C ARG A 52 -6.91 8.50 19.44
N SER A 53 -6.00 7.78 18.79
CA SER A 53 -6.40 6.55 18.15
C SER A 53 -6.94 5.55 19.17
N GLN A 54 -6.41 5.57 20.39
CA GLN A 54 -6.81 4.58 21.38
C GLN A 54 -8.26 4.78 21.81
N HIS A 55 -8.66 6.02 22.09
CA HIS A 55 -10.03 6.26 22.55
C HIS A 55 -11.03 5.91 21.46
N LEU A 56 -10.77 6.34 20.23
CA LEU A 56 -11.67 6.05 19.12
C LEU A 56 -11.76 4.56 18.88
N GLY A 57 -10.62 3.88 18.87
CA GLY A 57 -10.63 2.44 18.68
C GLY A 57 -11.39 1.72 19.77
N GLU A 58 -11.18 2.12 21.03
CA GLU A 58 -11.88 1.45 22.12
C GLU A 58 -13.39 1.68 22.04
N GLU A 59 -13.80 2.91 21.74
CA GLU A 59 -15.23 3.18 21.61
C GLU A 59 -15.86 2.32 20.53
N LEU A 60 -15.29 2.36 19.33
CA LEU A 60 -15.95 1.67 18.24
C LEU A 60 -15.81 0.16 18.41
N GLN A 61 -14.77 -0.30 19.10
CA GLN A 61 -14.62 -1.73 19.36
C GLN A 61 -15.64 -2.19 20.39
N GLY A 62 -15.90 -1.38 21.41
CA GLY A 62 -16.99 -1.70 22.32
C GLY A 62 -18.29 -1.84 21.57
N PHE A 63 -18.58 -0.89 20.68
CA PHE A 63 -19.85 -0.96 19.94
C PHE A 63 -19.90 -2.19 19.04
N TRP A 64 -18.81 -2.50 18.34
CA TRP A 64 -18.85 -3.64 17.43
C TRP A 64 -18.81 -4.97 18.17
N ASP A 65 -18.22 -5.00 19.36
CA ASP A 65 -18.25 -6.22 20.16
C ASP A 65 -19.64 -6.45 20.71
N LYS A 66 -20.30 -5.39 21.17
CA LYS A 66 -21.71 -5.52 21.51
C LYS A 66 -22.53 -5.95 20.31
N GLU A 67 -22.11 -5.56 19.10
CA GLU A 67 -22.86 -5.95 17.92
C GLU A 67 -22.67 -7.42 17.59
N VAL A 68 -21.45 -7.94 17.68
CA VAL A 68 -21.28 -9.37 17.42
C VAL A 68 -21.92 -10.18 18.54
N LEU A 69 -22.00 -9.62 19.75
CA LEU A 69 -22.77 -10.26 20.81
C LEU A 69 -24.25 -10.30 20.44
N ARG A 70 -24.81 -9.17 20.03
CA ARG A 70 -26.23 -9.08 19.71
C ARG A 70 -26.59 -9.98 18.55
N ALA A 71 -25.72 -10.06 17.54
CA ALA A 71 -25.96 -10.93 16.40
C ALA A 71 -26.10 -12.38 16.87
N GLU A 72 -25.21 -12.82 17.76
CA GLU A 72 -25.30 -14.15 18.37
C GLU A 72 -26.05 -14.09 19.69
N ASN A 73 -27.24 -13.50 19.70
CA ASN A 73 -28.03 -13.39 20.93
C ASN A 73 -29.48 -13.17 20.52
N ASP A 74 -30.27 -14.24 20.58
CA ASP A 74 -31.71 -14.19 20.30
C ASP A 74 -32.00 -13.72 18.89
N ALA A 75 -30.96 -13.48 18.10
CA ALA A 75 -31.12 -12.97 16.73
C ALA A 75 -30.56 -13.92 15.70
N GLN A 76 -29.34 -14.41 15.87
CA GLN A 76 -28.65 -15.27 14.91
C GLN A 76 -28.57 -14.65 13.52
N LYS A 77 -28.84 -13.36 13.41
CA LYS A 77 -28.50 -12.64 12.20
C LYS A 77 -26.99 -12.42 12.18
N PRO A 78 -26.37 -12.34 11.01
CA PRO A 78 -24.92 -12.14 10.97
C PRO A 78 -24.59 -10.74 11.45
N SER A 79 -23.37 -10.59 11.96
CA SER A 79 -22.95 -9.31 12.50
C SER A 79 -22.90 -8.25 11.41
N LEU A 80 -22.80 -6.99 11.81
CA LEU A 80 -22.94 -5.91 10.84
C LEU A 80 -22.14 -4.71 11.31
N THR A 81 -20.98 -4.47 10.68
CA THR A 81 -20.21 -3.29 11.04
C THR A 81 -20.91 -2.02 10.57
N ARG A 82 -21.63 -2.09 9.45
CA ARG A 82 -22.35 -0.90 9.02
C ARG A 82 -23.54 -0.60 9.92
N ALA A 83 -23.90 -1.53 10.81
CA ALA A 83 -24.83 -1.26 11.90
C ALA A 83 -24.11 -0.77 13.15
N ILE A 84 -22.90 -0.24 12.99
CA ILE A 84 -22.22 0.51 14.04
C ILE A 84 -22.33 1.97 13.61
N ILE A 85 -23.43 2.27 12.94
CA ILE A 85 -24.01 3.60 12.94
C ILE A 85 -24.37 4.01 14.37
N LYS A 86 -24.71 2.99 15.15
CA LYS A 86 -25.12 3.12 16.57
C LYS A 86 -24.03 3.81 17.36
N CYS A 87 -22.83 3.90 16.81
CA CYS A 87 -21.75 4.51 17.62
C CYS A 87 -21.49 5.94 17.16
N TYR A 88 -22.09 6.34 16.05
CA TYR A 88 -21.83 7.70 15.50
C TYR A 88 -23.13 8.45 15.23
N TRP A 89 -24.29 7.82 15.31
CA TRP A 89 -25.49 8.67 15.05
C TRP A 89 -25.64 9.75 16.11
N LYS A 90 -25.30 9.51 17.36
CA LYS A 90 -25.49 10.61 18.34
C LYS A 90 -24.59 11.80 17.97
N SER A 91 -23.34 11.58 17.60
CA SER A 91 -22.44 12.73 17.35
C SER A 91 -22.43 13.15 15.90
N TYR A 92 -23.07 12.40 15.01
CA TYR A 92 -23.02 12.83 13.60
C TYR A 92 -24.44 13.16 13.15
N LEU A 93 -25.20 13.74 14.05
CA LEU A 93 -26.52 14.29 13.71
C LEU A 93 -26.43 15.74 14.15
N VAL A 94 -25.81 15.97 15.31
CA VAL A 94 -25.55 17.35 15.78
C VAL A 94 -24.83 18.05 14.64
N LEU A 95 -24.27 17.30 13.69
CA LEU A 95 -23.78 18.00 12.52
C LEU A 95 -24.87 18.28 11.51
N GLY A 96 -26.04 17.68 11.68
CA GLY A 96 -27.17 17.98 10.80
C GLY A 96 -27.81 19.32 11.08
N ILE A 97 -27.57 19.90 12.25
CA ILE A 97 -28.08 21.24 12.53
C ILE A 97 -27.48 22.23 11.54
N PHE A 98 -26.18 22.12 11.29
CA PHE A 98 -25.53 23.01 10.33
C PHE A 98 -26.12 22.84 8.94
N THR A 99 -26.38 21.61 8.54
CA THR A 99 -26.99 21.39 7.23
C THR A 99 -28.38 21.97 7.16
N LEU A 100 -29.18 21.77 8.20
CA LEU A 100 -30.55 22.26 8.21
C LEU A 100 -30.60 23.77 8.18
N ILE A 101 -29.73 24.44 8.93
CA ILE A 101 -29.72 25.90 8.88
C ILE A 101 -29.15 26.38 7.55
N GLU A 102 -28.07 25.77 7.08
CA GLU A 102 -27.46 26.21 5.83
C GLU A 102 -28.40 26.00 4.65
N GLU A 103 -28.92 24.80 4.51
CA GLU A 103 -29.76 24.55 3.35
C GLU A 103 -31.19 25.07 3.53
N SER A 104 -31.50 25.69 4.66
CA SER A 104 -32.71 26.51 4.77
C SER A 104 -32.39 27.99 4.82
N ALA A 105 -31.12 28.35 4.65
CA ALA A 105 -30.73 29.72 4.40
C ALA A 105 -30.31 29.95 2.96
N LYS A 106 -30.09 28.89 2.19
CA LYS A 106 -29.93 28.99 0.75
C LYS A 106 -31.25 28.99 0.01
N VAL A 107 -32.36 28.87 0.73
CA VAL A 107 -33.69 29.02 0.18
C VAL A 107 -34.23 30.38 0.60
N ILE A 108 -33.74 30.88 1.74
CA ILE A 108 -34.17 32.19 2.21
C ILE A 108 -33.51 33.29 1.39
N GLN A 109 -32.20 33.22 1.20
CA GLN A 109 -31.49 34.30 0.52
C GLN A 109 -31.93 34.53 -0.92
N PRO A 110 -32.43 33.54 -1.68
CA PRO A 110 -33.02 33.89 -2.97
C PRO A 110 -34.19 34.85 -2.88
N ILE A 111 -34.99 34.80 -1.81
CA ILE A 111 -36.05 35.79 -1.66
C ILE A 111 -35.48 37.19 -1.64
N PHE A 112 -34.39 37.38 -0.88
CA PHE A 112 -33.78 38.70 -0.82
C PHE A 112 -33.08 39.06 -2.12
N LEU A 113 -32.61 38.07 -2.87
CA LEU A 113 -32.13 38.36 -4.22
C LEU A 113 -33.27 38.90 -5.08
N GLY A 114 -34.43 38.27 -5.01
CA GLY A 114 -35.58 38.79 -5.73
C GLY A 114 -35.94 40.19 -5.29
N LYS A 115 -35.86 40.45 -3.98
CA LYS A 115 -36.24 41.75 -3.46
C LYS A 115 -35.21 42.83 -3.77
N ILE A 116 -33.96 42.46 -4.02
CA ILE A 116 -32.98 43.46 -4.45
C ILE A 116 -33.03 43.67 -5.96
N ILE A 117 -33.45 42.67 -6.72
CA ILE A 117 -33.67 42.91 -8.14
C ILE A 117 -34.97 43.68 -8.38
N ASN A 118 -35.94 43.55 -7.47
CA ASN A 118 -37.18 44.28 -7.62
C ASN A 118 -36.96 45.77 -7.61
N TYR A 119 -35.94 46.24 -6.89
CA TYR A 119 -35.63 47.65 -6.88
C TYR A 119 -35.36 48.15 -8.29
N PHE A 120 -34.52 47.44 -9.04
CA PHE A 120 -34.26 47.83 -10.41
C PHE A 120 -35.43 47.50 -11.32
N GLU A 121 -36.21 46.47 -10.99
CA GLU A 121 -37.33 46.08 -11.83
C GLU A 121 -38.37 47.18 -11.88
N ASN A 122 -38.77 47.70 -10.72
CA ASN A 122 -39.71 48.80 -10.72
C ASN A 122 -39.09 50.03 -11.38
N TYR A 123 -38.10 50.62 -10.72
CA TYR A 123 -37.27 51.70 -11.27
C TYR A 123 -36.30 52.10 -10.18
N ASP A 124 -35.36 52.96 -10.54
CA ASP A 124 -34.40 53.54 -9.60
C ASP A 124 -34.44 55.07 -9.69
N PRO A 125 -35.56 55.68 -9.32
CA PRO A 125 -35.67 57.14 -9.39
C PRO A 125 -35.11 57.79 -8.14
N MET A 126 -35.31 59.10 -8.01
CA MET A 126 -34.95 59.82 -6.79
C MET A 126 -35.97 59.49 -5.69
N ASP A 127 -35.90 58.24 -5.22
CA ASP A 127 -36.78 57.74 -4.16
C ASP A 127 -35.88 57.13 -3.08
N SER A 128 -35.64 57.90 -2.01
CA SER A 128 -34.68 57.48 -1.00
C SER A 128 -35.17 56.28 -0.20
N VAL A 129 -36.47 56.19 0.06
CA VAL A 129 -36.97 55.11 0.92
C VAL A 129 -36.81 53.76 0.23
N ALA A 130 -37.09 53.71 -1.07
CA ALA A 130 -36.91 52.47 -1.81
C ALA A 130 -35.44 52.06 -1.84
N LEU A 131 -34.55 53.03 -2.01
CA LEU A 131 -33.12 52.71 -2.03
C LEU A 131 -32.64 52.26 -0.65
N ASN A 132 -33.21 52.81 0.41
CA ASN A 132 -32.85 52.36 1.74
C ASN A 132 -33.37 50.96 2.01
N THR A 133 -34.56 50.63 1.50
CA THR A 133 -35.03 49.26 1.61
C THR A 133 -34.15 48.31 0.82
N ALA A 134 -33.70 48.73 -0.36
CA ALA A 134 -32.77 47.92 -1.13
C ALA A 134 -31.46 47.73 -0.39
N TYR A 135 -30.97 48.78 0.26
CA TYR A 135 -29.77 48.67 1.08
C TYR A 135 -29.98 47.68 2.22
N ALA A 136 -31.16 47.72 2.85
CA ALA A 136 -31.45 46.78 3.92
C ALA A 136 -31.47 45.35 3.42
N TYR A 137 -32.10 45.12 2.27
CA TYR A 137 -32.14 43.77 1.73
C TYR A 137 -30.77 43.32 1.27
N ALA A 138 -29.93 44.24 0.78
CA ALA A 138 -28.57 43.88 0.41
C ALA A 138 -27.75 43.52 1.64
N THR A 139 -27.91 44.27 2.73
CA THR A 139 -27.22 43.92 3.96
C THR A 139 -27.69 42.57 4.51
N VAL A 140 -28.99 42.31 4.44
CA VAL A 140 -29.50 41.02 4.88
C VAL A 140 -28.97 39.90 4.00
N LEU A 141 -28.90 40.13 2.69
CA LEU A 141 -28.32 39.13 1.79
C LEU A 141 -26.86 38.89 2.11
N THR A 142 -26.10 39.95 2.39
CA THR A 142 -24.70 39.77 2.76
C THR A 142 -24.57 38.94 4.03
N PHE A 143 -25.27 39.34 5.09
CA PHE A 143 -25.16 38.60 6.34
C PHE A 143 -25.86 37.24 6.27
N CYS A 144 -26.59 36.96 5.21
CA CYS A 144 -27.07 35.62 4.98
C CYS A 144 -26.12 34.80 4.12
N THR A 145 -25.19 35.44 3.42
CA THR A 145 -24.09 34.74 2.78
C THR A 145 -22.85 34.69 3.64
N LEU A 146 -22.82 35.38 4.78
CA LEU A 146 -21.77 35.22 5.76
C LEU A 146 -22.12 34.20 6.83
N ILE A 147 -23.40 34.12 7.19
CA ILE A 147 -23.88 33.11 8.10
C ILE A 147 -24.27 31.85 7.33
N LEU A 148 -23.87 31.76 6.07
CA LEU A 148 -24.05 30.57 5.27
C LEU A 148 -22.74 30.01 4.76
N ALA A 149 -21.66 30.78 4.78
CA ALA A 149 -20.31 30.26 4.58
C ALA A 149 -19.57 30.13 5.89
N ILE A 150 -20.31 30.06 7.00
CA ILE A 150 -19.76 29.69 8.30
C ILE A 150 -20.43 28.39 8.72
N LEU A 151 -21.68 28.21 8.28
CA LEU A 151 -22.35 26.92 8.43
C LEU A 151 -22.01 25.96 7.31
N HIS A 152 -21.37 26.43 6.25
CA HIS A 152 -20.78 25.57 5.26
C HIS A 152 -19.36 25.17 5.60
N HIS A 153 -18.73 25.88 6.52
CA HIS A 153 -17.38 25.51 6.93
C HIS A 153 -17.35 24.83 8.28
N LEU A 154 -18.20 25.23 9.22
CA LEU A 154 -18.33 24.45 10.44
C LEU A 154 -18.81 23.05 10.10
N TYR A 155 -19.81 22.94 9.25
CA TYR A 155 -20.32 21.63 8.89
C TYR A 155 -19.28 20.82 8.15
N PHE A 156 -18.67 21.40 7.11
CA PHE A 156 -17.75 20.63 6.28
C PHE A 156 -16.38 20.47 6.90
N TYR A 157 -16.13 21.10 8.04
CA TYR A 157 -14.97 20.73 8.83
C TYR A 157 -15.32 19.63 9.82
N HIS A 158 -16.37 19.83 10.59
CA HIS A 158 -16.66 18.85 11.63
C HIS A 158 -17.10 17.54 11.04
N VAL A 159 -17.60 17.54 9.81
CA VAL A 159 -17.97 16.27 9.20
C VAL A 159 -16.72 15.54 8.74
N GLN A 160 -15.71 16.27 8.26
CA GLN A 160 -14.46 15.64 7.90
C GLN A 160 -13.74 15.10 9.13
N CYS A 161 -13.83 15.79 10.26
CA CYS A 161 -13.22 15.20 11.45
C CYS A 161 -14.04 14.07 12.04
N ALA A 162 -15.37 14.07 11.88
CA ALA A 162 -16.18 12.93 12.27
C ALA A 162 -16.07 11.77 11.32
N GLY A 163 -15.49 11.97 10.14
CA GLY A 163 -15.13 10.86 9.28
C GLY A 163 -13.72 10.39 9.57
N MET A 164 -12.86 11.33 9.95
CA MET A 164 -11.51 10.97 10.39
C MET A 164 -11.57 10.12 11.65
N ARG A 165 -12.49 10.42 12.56
CA ARG A 165 -12.63 9.59 13.74
C ARG A 165 -12.98 8.16 13.37
N LEU A 166 -13.90 7.99 12.42
CA LEU A 166 -14.24 6.64 11.98
C LEU A 166 -13.06 5.96 11.31
N ARG A 167 -12.33 6.69 10.47
CA ARG A 167 -11.16 6.12 9.82
C ARG A 167 -10.13 5.68 10.85
N VAL A 168 -9.88 6.51 11.86
CA VAL A 168 -8.86 6.21 12.84
C VAL A 168 -9.29 5.06 13.72
N ALA A 169 -10.53 5.05 14.18
CA ALA A 169 -10.99 3.95 15.02
C ALA A 169 -10.98 2.65 14.25
N MET A 170 -11.39 2.67 12.98
CA MET A 170 -11.42 1.45 12.20
C MET A 170 -10.02 0.93 11.95
N CYS A 171 -9.06 1.83 11.68
CA CYS A 171 -7.67 1.40 11.56
C CYS A 171 -7.17 0.79 12.85
N HIS A 172 -7.47 1.42 13.98
CA HIS A 172 -7.01 0.92 15.27
C HIS A 172 -7.54 -0.48 15.51
N MET A 173 -8.81 -0.71 15.24
CA MET A 173 -9.35 -2.04 15.52
C MET A 173 -8.98 -3.07 14.46
N ILE A 174 -8.73 -2.66 13.22
CA ILE A 174 -8.14 -3.58 12.26
C ILE A 174 -6.80 -4.06 12.77
N TYR A 175 -6.01 -3.17 13.35
CA TYR A 175 -4.76 -3.64 13.97
C TYR A 175 -5.05 -4.56 15.15
N ARG A 176 -5.94 -4.14 16.04
CA ARG A 176 -6.24 -4.92 17.23
C ARG A 176 -6.73 -6.31 16.87
N LYS A 177 -7.31 -6.48 15.68
CA LYS A 177 -7.66 -7.80 15.19
C LYS A 177 -6.46 -8.49 14.56
N ALA A 178 -5.79 -7.81 13.63
CA ALA A 178 -4.63 -8.37 12.95
C ALA A 178 -3.49 -8.67 13.90
N LEU A 179 -3.62 -8.30 15.17
CA LEU A 179 -2.69 -8.70 16.20
C LEU A 179 -3.20 -9.89 17.00
N ARG A 180 -4.41 -10.36 16.70
CA ARG A 180 -4.99 -11.45 17.46
C ARG A 180 -5.63 -12.53 16.59
N LEU A 181 -5.26 -12.62 15.32
CA LEU A 181 -5.91 -13.58 14.43
C LEU A 181 -5.02 -14.80 14.29
N SER A 182 -5.66 -15.97 14.30
CA SER A 182 -4.95 -17.24 14.44
C SER A 182 -4.19 -17.59 13.16
N ASN A 183 -3.60 -18.78 13.16
CA ASN A 183 -2.85 -19.25 12.02
C ASN A 183 -3.73 -19.42 10.79
N MET A 184 -4.94 -19.97 10.98
CA MET A 184 -5.84 -20.14 9.84
C MET A 184 -6.24 -18.80 9.26
N ALA A 185 -6.49 -17.81 10.12
CA ALA A 185 -6.85 -16.49 9.63
C ALA A 185 -5.71 -15.87 8.83
N MET A 186 -4.48 -15.99 9.32
CA MET A 186 -3.33 -15.50 8.58
C MET A 186 -3.06 -16.34 7.33
N GLY A 187 -3.66 -17.52 7.23
CA GLY A 187 -3.55 -18.31 6.02
C GLY A 187 -4.55 -17.89 4.96
N LYS A 188 -5.78 -17.58 5.38
CA LYS A 188 -6.80 -17.15 4.43
C LYS A 188 -6.44 -15.83 3.77
N THR A 189 -5.90 -14.89 4.53
CA THR A 189 -5.53 -13.57 4.02
C THR A 189 -4.02 -13.41 4.06
N THR A 190 -3.57 -12.23 3.67
CA THR A 190 -2.15 -11.92 3.60
C THR A 190 -1.88 -10.53 4.18
N THR A 191 -0.60 -10.21 4.34
CA THR A 191 -0.23 -8.88 4.79
C THR A 191 -0.57 -7.83 3.73
N GLY A 192 -0.51 -8.20 2.45
CA GLY A 192 -0.95 -7.28 1.42
C GLY A 192 -2.42 -6.94 1.54
N GLN A 193 -3.26 -7.93 1.82
CA GLN A 193 -4.69 -7.67 1.98
C GLN A 193 -4.97 -6.83 3.21
N ILE A 194 -4.30 -7.12 4.33
CA ILE A 194 -4.57 -6.36 5.56
C ILE A 194 -4.08 -4.93 5.41
N VAL A 195 -2.91 -4.73 4.81
CA VAL A 195 -2.45 -3.36 4.58
C VAL A 195 -3.33 -2.66 3.56
N ASN A 196 -3.89 -3.40 2.60
CA ASN A 196 -4.85 -2.79 1.68
C ASN A 196 -6.09 -2.33 2.42
N LEU A 197 -6.57 -3.13 3.38
CA LEU A 197 -7.62 -2.66 4.27
C LEU A 197 -7.22 -1.37 4.95
N LEU A 198 -6.05 -1.36 5.57
CA LEU A 198 -5.67 -0.24 6.42
C LEU A 198 -5.37 1.01 5.62
N SER A 199 -5.11 0.87 4.32
CA SER A 199 -4.64 1.98 3.52
C SER A 199 -5.68 2.44 2.50
N ASN A 200 -6.15 1.53 1.65
CA ASN A 200 -6.99 1.92 0.54
C ASN A 200 -8.47 1.69 0.79
N ASP A 201 -8.84 0.89 1.79
CA ASP A 201 -10.23 0.55 2.00
C ASP A 201 -10.76 0.99 3.34
N VAL A 202 -9.96 1.67 4.15
CA VAL A 202 -10.47 2.44 5.28
C VAL A 202 -10.51 3.93 4.95
N ASN A 203 -9.74 4.36 3.96
CA ASN A 203 -9.80 5.76 3.52
C ASN A 203 -11.19 6.16 3.09
N LYS A 204 -12.01 5.20 2.66
CA LYS A 204 -13.37 5.52 2.27
C LYS A 204 -14.17 6.14 3.40
N PHE A 205 -13.74 5.94 4.65
CA PHE A 205 -14.45 6.52 5.78
C PHE A 205 -14.09 7.98 6.01
N ASP A 206 -13.07 8.50 5.34
CA ASP A 206 -12.85 9.93 5.40
C ASP A 206 -13.83 10.69 4.50
N GLN A 207 -14.55 9.99 3.64
CA GLN A 207 -15.42 10.60 2.66
C GLN A 207 -16.87 10.13 2.75
N VAL A 208 -17.15 9.06 3.48
CA VAL A 208 -18.54 8.62 3.61
C VAL A 208 -19.35 9.64 4.37
N THR A 209 -18.74 10.29 5.37
CA THR A 209 -19.51 11.16 6.25
C THR A 209 -19.76 12.53 5.63
N VAL A 210 -18.93 12.97 4.68
CA VAL A 210 -18.94 14.36 4.25
C VAL A 210 -20.32 14.76 3.74
N PHE A 211 -20.88 13.98 2.82
CA PHE A 211 -22.14 14.32 2.18
C PHE A 211 -23.31 13.57 2.74
N LEU A 212 -23.15 12.97 3.92
CA LEU A 212 -24.10 11.99 4.37
C LEU A 212 -25.40 12.63 4.84
N HIS A 213 -25.36 13.90 5.23
CA HIS A 213 -26.60 14.59 5.61
C HIS A 213 -27.42 14.95 4.39
N PHE A 214 -26.78 15.33 3.30
CA PHE A 214 -27.56 15.75 2.14
C PHE A 214 -28.34 14.61 1.53
N LEU A 215 -28.28 13.41 2.11
CA LEU A 215 -29.22 12.36 1.76
C LEU A 215 -30.64 12.75 2.11
N TRP A 216 -30.83 13.50 3.19
CA TRP A 216 -32.14 14.02 3.55
C TRP A 216 -32.33 15.48 3.21
N ALA A 217 -31.31 16.32 3.38
CA ALA A 217 -31.43 17.72 2.99
C ALA A 217 -31.30 17.93 1.50
N GLY A 218 -31.01 16.87 0.74
CA GLY A 218 -31.06 16.96 -0.68
C GLY A 218 -32.49 17.08 -1.15
N PRO A 219 -33.25 15.99 -1.05
CA PRO A 219 -34.66 16.07 -1.47
C PRO A 219 -35.45 17.08 -0.68
N LEU A 220 -35.22 17.19 0.63
CA LEU A 220 -36.04 18.10 1.44
C LEU A 220 -35.98 19.51 0.90
N GLN A 221 -34.77 20.03 0.70
CA GLN A 221 -34.63 21.37 0.16
C GLN A 221 -35.30 21.48 -1.20
N ALA A 222 -35.19 20.44 -2.02
CA ALA A 222 -35.89 20.43 -3.30
C ALA A 222 -37.35 20.72 -3.10
N ILE A 223 -38.00 19.99 -2.19
CA ILE A 223 -39.39 20.27 -1.86
C ILE A 223 -39.54 21.72 -1.45
N ALA A 224 -38.69 22.16 -0.52
CA ALA A 224 -38.75 23.56 -0.08
C ALA A 224 -38.62 24.50 -1.26
N VAL A 225 -37.73 24.18 -2.20
CA VAL A 225 -37.57 25.05 -3.37
C VAL A 225 -38.90 25.20 -4.07
N THR A 226 -39.57 24.09 -4.36
CA THR A 226 -40.88 24.19 -4.99
C THR A 226 -41.87 24.89 -4.07
N ALA A 227 -41.80 24.61 -2.77
CA ALA A 227 -42.69 25.25 -1.83
C ALA A 227 -42.47 26.76 -1.78
N LEU A 228 -41.36 27.25 -2.30
CA LEU A 228 -41.11 28.67 -2.40
C LEU A 228 -41.15 29.16 -3.84
N LEU A 229 -41.11 28.26 -4.81
CA LEU A 229 -41.03 28.66 -6.20
C LEU A 229 -42.39 28.66 -6.89
N TRP A 230 -43.25 27.72 -6.53
CA TRP A 230 -44.67 27.81 -6.89
C TRP A 230 -45.18 29.20 -6.57
N MET A 231 -45.03 29.60 -5.31
CA MET A 231 -45.51 30.89 -4.81
C MET A 231 -45.01 32.04 -5.66
N GLU A 232 -43.99 31.80 -6.49
CA GLU A 232 -43.48 32.81 -7.39
C GLU A 232 -43.97 32.62 -8.82
N ILE A 233 -43.90 31.40 -9.35
CA ILE A 233 -44.05 31.22 -10.80
C ILE A 233 -45.08 30.14 -11.12
N GLY A 234 -45.78 29.65 -10.10
CA GLY A 234 -46.91 28.80 -10.39
C GLY A 234 -46.55 27.40 -10.84
N ILE A 235 -47.54 26.75 -11.47
CA ILE A 235 -47.46 25.33 -11.83
C ILE A 235 -46.20 25.02 -12.60
N SER A 236 -45.67 26.00 -13.33
CA SER A 236 -44.47 25.77 -14.13
C SER A 236 -43.36 25.16 -13.30
N CYS A 237 -43.23 25.58 -12.04
CA CYS A 237 -42.14 25.09 -11.21
C CYS A 237 -42.12 23.57 -11.14
N LEU A 238 -43.30 22.95 -11.08
CA LEU A 238 -43.34 21.49 -11.05
C LEU A 238 -42.52 20.88 -12.17
N ALA A 239 -42.70 21.38 -13.40
CA ALA A 239 -41.97 20.83 -14.53
C ALA A 239 -40.49 20.83 -14.25
N GLY A 240 -39.96 21.94 -13.74
CA GLY A 240 -38.57 21.98 -13.39
C GLY A 240 -38.27 20.95 -12.34
N MET A 241 -39.01 20.96 -11.24
CA MET A 241 -38.80 19.94 -10.22
C MET A 241 -39.06 18.56 -10.79
N ALA A 242 -39.92 18.44 -11.80
CA ALA A 242 -40.11 17.15 -12.44
C ALA A 242 -38.81 16.67 -13.06
N VAL A 243 -38.11 17.52 -13.80
CA VAL A 243 -36.83 17.12 -14.36
C VAL A 243 -35.76 17.12 -13.28
N LEU A 244 -36.06 17.63 -12.10
CA LEU A 244 -35.22 17.35 -10.96
C LEU A 244 -35.45 15.92 -10.48
N ILE A 245 -36.72 15.50 -10.46
CA ILE A 245 -37.04 14.15 -10.02
C ILE A 245 -36.29 13.13 -10.84
N ILE A 246 -36.35 13.25 -12.17
CA ILE A 246 -35.69 12.28 -13.04
C ILE A 246 -34.20 12.20 -12.74
N LEU A 247 -33.61 13.27 -12.21
CA LEU A 247 -32.19 13.21 -11.90
C LEU A 247 -31.90 12.22 -10.78
N LEU A 248 -32.74 12.19 -9.74
CA LEU A 248 -32.41 11.36 -8.57
C LEU A 248 -32.28 9.88 -8.89
N PRO A 249 -33.24 9.23 -9.55
CA PRO A 249 -32.97 7.85 -9.99
C PRO A 249 -31.83 7.78 -10.99
N LEU A 250 -31.83 8.65 -11.98
CA LEU A 250 -30.80 8.58 -13.02
C LEU A 250 -29.42 8.82 -12.43
N GLN A 251 -29.30 9.77 -11.51
CA GLN A 251 -28.00 10.10 -10.94
C GLN A 251 -27.68 9.25 -9.73
N SER A 252 -28.52 8.27 -9.40
CA SER A 252 -28.18 7.24 -8.43
C SER A 252 -27.85 5.90 -9.06
N CYS A 253 -28.31 5.64 -10.28
CA CYS A 253 -27.72 4.57 -11.07
C CYS A 253 -26.46 5.04 -11.78
N PHE A 254 -25.96 6.21 -11.41
CA PHE A 254 -24.61 6.65 -11.72
C PHE A 254 -23.69 6.58 -10.51
N GLY A 255 -24.24 6.28 -9.34
CA GLY A 255 -23.47 6.29 -8.11
C GLY A 255 -23.47 4.93 -7.44
N LYS A 256 -24.38 4.07 -7.86
CA LYS A 256 -24.34 2.66 -7.51
C LYS A 256 -23.76 1.82 -8.63
N LEU A 257 -24.16 2.09 -9.87
CA LEU A 257 -23.52 1.45 -11.00
C LEU A 257 -22.04 1.80 -11.05
N PHE A 258 -21.70 3.05 -10.75
CA PHE A 258 -20.29 3.42 -10.63
C PHE A 258 -19.62 2.64 -9.52
N SER A 259 -20.26 2.51 -8.37
CA SER A 259 -19.64 1.78 -7.28
C SER A 259 -19.52 0.29 -7.59
N SER A 260 -20.48 -0.26 -8.33
CA SER A 260 -20.33 -1.63 -8.81
C SER A 260 -19.10 -1.75 -9.69
N LEU A 261 -18.93 -0.80 -10.61
CA LEU A 261 -17.74 -0.80 -11.45
C LEU A 261 -16.48 -0.62 -10.63
N ARG A 262 -16.54 0.15 -9.56
CA ARG A 262 -15.37 0.40 -8.75
C ARG A 262 -14.95 -0.84 -7.99
N SER A 263 -15.90 -1.54 -7.38
CA SER A 263 -15.57 -2.79 -6.69
C SER A 263 -15.21 -3.91 -7.66
N LYS A 264 -15.74 -3.89 -8.88
CA LYS A 264 -15.31 -4.82 -9.91
C LYS A 264 -13.95 -4.47 -10.47
N THR A 265 -13.54 -3.20 -10.38
CA THR A 265 -12.19 -2.80 -10.73
C THR A 265 -11.20 -3.20 -9.65
N ALA A 266 -11.61 -3.06 -8.38
CA ALA A 266 -10.67 -3.26 -7.28
C ALA A 266 -10.09 -4.66 -7.25
N THR A 267 -10.83 -5.66 -7.73
CA THR A 267 -10.25 -7.00 -7.79
C THR A 267 -9.11 -7.04 -8.80
N PHE A 268 -9.29 -6.41 -9.96
CA PHE A 268 -8.20 -6.33 -10.94
C PHE A 268 -7.06 -5.49 -10.40
N THR A 269 -7.37 -4.41 -9.69
CA THR A 269 -6.33 -3.57 -9.12
C THR A 269 -5.49 -4.35 -8.13
N ASP A 270 -6.12 -5.13 -7.26
CA ASP A 270 -5.33 -5.87 -6.29
C ASP A 270 -4.64 -7.09 -6.88
N ALA A 271 -5.22 -7.69 -7.92
CA ALA A 271 -4.47 -8.73 -8.63
C ALA A 271 -3.22 -8.15 -9.28
N ARG A 272 -3.34 -6.98 -9.90
CA ARG A 272 -2.19 -6.31 -10.47
C ARG A 272 -1.18 -5.93 -9.39
N ILE A 273 -1.66 -5.43 -8.25
CA ILE A 273 -0.75 -5.03 -7.18
C ILE A 273 -0.03 -6.24 -6.62
N ARG A 274 -0.73 -7.35 -6.43
CA ARG A 274 -0.10 -8.56 -5.93
C ARG A 274 0.93 -9.09 -6.91
N THR A 275 0.62 -9.08 -8.20
CA THR A 275 1.59 -9.52 -9.17
C THR A 275 2.80 -8.59 -9.21
N MET A 276 2.58 -7.29 -9.07
CA MET A 276 3.71 -6.37 -8.95
C MET A 276 4.50 -6.63 -7.69
N ASN A 277 3.85 -7.04 -6.61
CA ASN A 277 4.60 -7.39 -5.41
C ASN A 277 5.50 -8.57 -5.67
N GLU A 278 4.99 -9.59 -6.38
CA GLU A 278 5.83 -10.70 -6.80
C GLU A 278 7.02 -10.19 -7.60
N VAL A 279 6.76 -9.33 -8.58
CA VAL A 279 7.83 -8.85 -9.44
C VAL A 279 8.87 -8.08 -8.64
N ILE A 280 8.43 -7.12 -7.83
CA ILE A 280 9.36 -6.29 -7.09
C ILE A 280 10.17 -7.14 -6.11
N THR A 281 9.52 -8.06 -5.41
CA THR A 281 10.23 -8.86 -4.41
C THR A 281 11.21 -9.82 -5.07
N GLY A 282 10.71 -10.71 -5.92
CA GLY A 282 11.62 -11.63 -6.55
C GLY A 282 12.14 -11.10 -7.87
N ILE A 283 12.44 -9.81 -7.94
CA ILE A 283 13.02 -9.25 -9.16
C ILE A 283 14.39 -9.83 -9.43
N ARG A 284 15.17 -10.14 -8.40
CA ARG A 284 16.43 -10.84 -8.63
C ARG A 284 16.19 -12.15 -9.33
N ILE A 285 15.23 -12.92 -8.84
CA ILE A 285 14.88 -14.21 -9.43
C ILE A 285 14.35 -14.04 -10.84
N ILE A 286 13.53 -13.01 -11.07
CA ILE A 286 12.97 -12.81 -12.41
C ILE A 286 14.04 -12.46 -13.40
N LYS A 287 15.00 -11.62 -13.00
CA LYS A 287 16.11 -11.31 -13.88
C LYS A 287 16.94 -12.56 -14.15
N MET A 288 17.28 -13.32 -13.11
CA MET A 288 18.12 -14.49 -13.31
C MET A 288 17.46 -15.52 -14.20
N TYR A 289 16.15 -15.71 -14.07
CA TYR A 289 15.41 -16.60 -14.96
C TYR A 289 14.99 -15.93 -16.26
N ALA A 290 15.24 -14.63 -16.41
CA ALA A 290 14.83 -13.88 -17.60
C ALA A 290 13.32 -13.97 -17.83
N TRP A 291 12.56 -13.89 -16.76
CA TRP A 291 11.11 -13.94 -16.80
C TRP A 291 10.48 -12.59 -17.04
N GLU A 292 11.28 -11.56 -17.28
CA GLU A 292 10.78 -10.19 -17.32
C GLU A 292 9.67 -10.03 -18.35
N LYS A 293 9.87 -10.57 -19.53
CA LYS A 293 8.84 -10.45 -20.56
C LYS A 293 7.70 -11.37 -20.34
N SER A 294 7.67 -12.12 -19.24
CA SER A 294 6.52 -12.93 -18.88
C SER A 294 5.66 -12.31 -17.79
N PHE A 295 6.20 -11.38 -17.02
CA PHE A 295 5.39 -10.53 -16.15
C PHE A 295 5.19 -9.14 -16.74
N SER A 296 5.86 -8.84 -17.85
CA SER A 296 5.48 -7.70 -18.66
C SER A 296 4.13 -7.93 -19.33
N ASN A 297 3.71 -9.18 -19.43
CA ASN A 297 2.44 -9.54 -20.06
C ASN A 297 1.41 -10.01 -19.04
N LEU A 298 1.71 -9.90 -17.76
CA LEU A 298 0.76 -10.24 -16.72
C LEU A 298 0.38 -9.04 -15.88
N ILE A 299 1.06 -7.91 -16.09
CA ILE A 299 0.57 -6.62 -15.63
C ILE A 299 0.02 -5.78 -16.76
N THR A 300 0.43 -6.04 -18.00
CA THR A 300 -0.19 -5.42 -19.15
C THR A 300 -1.54 -6.06 -19.47
N ASN A 301 -1.90 -7.15 -18.80
CA ASN A 301 -3.21 -7.75 -18.94
C ASN A 301 -4.11 -7.54 -17.74
N LEU A 302 -3.56 -7.36 -16.55
CA LEU A 302 -4.35 -6.89 -15.42
C LEU A 302 -4.40 -5.38 -15.35
N ARG A 303 -3.97 -4.70 -16.41
CA ARG A 303 -4.11 -3.25 -16.53
C ARG A 303 -5.03 -2.87 -17.67
N LYS A 304 -4.82 -3.41 -18.86
CA LYS A 304 -5.73 -3.16 -19.97
C LYS A 304 -7.08 -3.80 -19.75
N LYS A 305 -7.22 -4.69 -18.78
CA LYS A 305 -8.51 -5.15 -18.31
C LYS A 305 -8.96 -4.40 -17.07
N GLU A 306 -8.13 -3.45 -16.66
CA GLU A 306 -8.39 -2.54 -15.50
C GLU A 306 -8.74 -1.17 -16.09
N ILE A 307 -7.96 -0.74 -17.09
CA ILE A 307 -8.22 0.52 -17.78
C ILE A 307 -9.34 0.35 -18.80
N SER A 308 -10.04 -0.77 -18.76
CA SER A 308 -11.35 -0.87 -19.37
C SER A 308 -12.46 -0.69 -18.35
N LYS A 309 -12.16 -0.83 -17.07
CA LYS A 309 -13.11 -0.55 -16.00
C LYS A 309 -12.75 0.72 -15.26
N ILE A 310 -11.89 1.55 -15.83
CA ILE A 310 -11.71 2.91 -15.40
C ILE A 310 -12.16 3.92 -16.44
N LEU A 311 -12.11 3.56 -17.72
CA LEU A 311 -12.78 4.32 -18.75
C LEU A 311 -14.26 4.03 -18.82
N ARG A 312 -14.81 3.35 -17.81
CA ARG A 312 -16.24 3.14 -17.70
C ARG A 312 -16.71 3.56 -16.32
N SER A 313 -15.82 3.48 -15.34
CA SER A 313 -16.09 4.02 -14.02
C SER A 313 -15.74 5.48 -13.91
N SER A 314 -15.04 6.05 -14.89
CA SER A 314 -14.78 7.48 -14.95
C SER A 314 -15.57 8.18 -16.04
N CYS A 315 -15.89 7.50 -17.12
CA CYS A 315 -16.91 8.00 -18.02
C CYS A 315 -18.30 7.79 -17.44
N LEU A 316 -18.38 7.50 -16.15
CA LEU A 316 -19.64 7.45 -15.42
C LEU A 316 -19.60 8.37 -14.20
N ARG A 317 -18.46 8.96 -13.89
CA ARG A 317 -18.41 10.19 -13.11
C ARG A 317 -18.32 11.42 -14.00
N GLY A 318 -17.96 11.24 -15.27
CA GLY A 318 -18.16 12.32 -16.22
C GLY A 318 -19.63 12.61 -16.42
N MET A 319 -20.43 11.57 -16.60
CA MET A 319 -21.87 11.74 -16.73
C MET A 319 -22.55 12.08 -15.42
N ASN A 320 -21.79 12.14 -14.32
CA ASN A 320 -22.32 12.51 -13.02
C ASN A 320 -21.91 13.90 -12.59
N LEU A 321 -20.78 14.39 -13.07
CA LEU A 321 -20.41 15.79 -12.91
C LEU A 321 -20.88 16.65 -14.05
N ALA A 322 -21.22 16.05 -15.19
CA ALA A 322 -21.87 16.77 -16.27
C ALA A 322 -23.37 16.72 -16.18
N SER A 323 -23.91 15.94 -15.24
CA SER A 323 -25.31 16.03 -14.86
C SER A 323 -25.51 16.91 -13.65
N PHE A 324 -24.45 17.16 -12.89
CA PHE A 324 -24.44 18.25 -11.90
C PHE A 324 -24.27 19.60 -12.57
N PHE A 325 -23.17 19.76 -13.31
CA PHE A 325 -22.83 21.06 -13.85
C PHE A 325 -23.98 21.63 -14.65
N SER A 326 -24.52 20.84 -15.57
CA SER A 326 -25.65 21.23 -16.39
C SER A 326 -26.97 20.75 -15.81
N ALA A 327 -27.09 20.68 -14.49
CA ALA A 327 -28.34 20.27 -13.88
C ALA A 327 -29.32 21.43 -13.85
N SER A 328 -28.95 22.52 -13.20
CA SER A 328 -29.85 23.67 -13.14
C SER A 328 -30.02 24.32 -14.49
N LYS A 329 -29.10 24.14 -15.42
CA LYS A 329 -29.32 24.66 -16.76
C LYS A 329 -30.43 23.92 -17.48
N ILE A 330 -30.67 22.66 -17.14
CA ILE A 330 -31.82 21.94 -17.65
C ILE A 330 -33.07 22.28 -16.84
N ILE A 331 -32.92 22.41 -15.52
CA ILE A 331 -34.09 22.65 -14.68
C ILE A 331 -34.70 24.00 -15.00
N VAL A 332 -33.87 25.03 -15.09
CA VAL A 332 -34.37 26.36 -15.44
C VAL A 332 -34.93 26.37 -16.85
N PHE A 333 -34.31 25.63 -17.76
CA PHE A 333 -34.81 25.58 -19.13
C PHE A 333 -36.22 25.01 -19.17
N VAL A 334 -36.42 23.85 -18.56
CA VAL A 334 -37.76 23.26 -18.58
C VAL A 334 -38.74 24.15 -17.84
N THR A 335 -38.33 24.66 -16.66
CA THR A 335 -39.21 25.51 -15.87
C THR A 335 -39.74 26.67 -16.69
N PHE A 336 -38.86 27.41 -17.37
CA PHE A 336 -39.31 28.60 -18.06
C PHE A 336 -39.84 28.33 -19.45
N THR A 337 -39.45 27.24 -20.09
CA THR A 337 -40.18 26.82 -21.28
C THR A 337 -41.65 26.60 -20.96
N THR A 338 -41.93 25.87 -19.88
CA THR A 338 -43.33 25.74 -19.48
C THR A 338 -43.91 27.07 -19.02
N TYR A 339 -43.11 27.87 -18.33
CA TYR A 339 -43.60 29.10 -17.72
C TYR A 339 -44.02 30.12 -18.77
N VAL A 340 -43.41 30.09 -19.95
CA VAL A 340 -43.79 31.05 -20.97
C VAL A 340 -44.74 30.40 -21.97
N LEU A 341 -44.60 29.09 -22.19
CA LEU A 341 -45.58 28.41 -23.02
C LEU A 341 -46.94 28.34 -22.36
N LEU A 342 -47.01 28.58 -21.05
CA LEU A 342 -48.28 28.65 -20.34
C LEU A 342 -48.90 30.03 -20.38
N GLY A 343 -48.25 31.01 -21.00
CA GLY A 343 -48.79 32.32 -21.19
C GLY A 343 -48.10 33.42 -20.39
N SER A 344 -47.42 33.07 -19.30
CA SER A 344 -46.74 34.07 -18.51
C SER A 344 -45.54 34.62 -19.29
N VAL A 345 -44.94 35.68 -18.76
CA VAL A 345 -43.82 36.34 -19.43
C VAL A 345 -42.73 36.61 -18.42
N ILE A 346 -41.50 36.75 -18.93
CA ILE A 346 -40.30 36.72 -18.08
C ILE A 346 -40.01 38.11 -17.54
N THR A 347 -39.98 38.24 -16.22
CA THR A 347 -39.48 39.42 -15.53
C THR A 347 -38.28 39.01 -14.70
N ALA A 348 -37.25 39.85 -14.66
CA ALA A 348 -36.02 39.36 -14.07
C ALA A 348 -36.02 39.44 -12.56
N SER A 349 -37.08 39.03 -11.95
CA SER A 349 -37.06 38.71 -10.53
C SER A 349 -37.67 37.35 -10.27
N ARG A 350 -38.72 37.00 -11.01
CA ARG A 350 -39.15 35.61 -11.07
C ARG A 350 -38.01 34.73 -11.56
N VAL A 351 -37.41 35.10 -12.69
CA VAL A 351 -36.49 34.20 -13.36
C VAL A 351 -35.21 34.06 -12.55
N PHE A 352 -34.73 35.12 -11.93
CA PHE A 352 -33.44 35.00 -11.28
C PHE A 352 -33.52 34.51 -9.84
N VAL A 353 -34.64 34.73 -9.15
CA VAL A 353 -34.83 33.98 -7.92
C VAL A 353 -34.98 32.51 -8.25
N ALA A 354 -35.62 32.19 -9.38
CA ALA A 354 -35.71 30.80 -9.78
C ALA A 354 -34.34 30.23 -10.11
N VAL A 355 -33.49 31.02 -10.76
CA VAL A 355 -32.15 30.55 -11.11
C VAL A 355 -31.33 30.30 -9.86
N THR A 356 -31.34 31.24 -8.92
CA THR A 356 -30.54 31.05 -7.71
C THR A 356 -31.17 30.10 -6.70
N LEU A 357 -32.44 29.71 -6.89
CA LEU A 357 -33.03 28.64 -6.11
C LEU A 357 -32.69 27.28 -6.71
N TYR A 358 -32.83 27.17 -8.02
CA TYR A 358 -32.48 25.93 -8.69
C TYR A 358 -30.99 25.67 -8.66
N GLY A 359 -30.16 26.71 -8.51
CA GLY A 359 -28.75 26.46 -8.26
C GLY A 359 -28.49 25.87 -6.88
N ALA A 360 -29.16 26.42 -5.86
CA ALA A 360 -29.00 25.92 -4.52
C ALA A 360 -29.56 24.51 -4.35
N VAL A 361 -30.52 24.12 -5.19
CA VAL A 361 -30.96 22.73 -5.16
C VAL A 361 -30.17 21.86 -6.13
N ARG A 362 -29.58 22.44 -7.18
CA ARG A 362 -28.61 21.72 -7.99
C ARG A 362 -27.48 21.21 -7.13
N LEU A 363 -26.89 22.10 -6.34
CA LEU A 363 -25.76 21.72 -5.49
C LEU A 363 -26.10 20.50 -4.65
N THR A 364 -27.29 20.47 -4.07
CA THR A 364 -27.57 19.48 -3.05
C THR A 364 -28.21 18.22 -3.62
N VAL A 365 -29.27 18.36 -4.41
CA VAL A 365 -29.92 17.18 -4.98
C VAL A 365 -29.04 16.55 -6.05
N THR A 366 -28.39 17.36 -6.88
CA THR A 366 -27.70 16.83 -8.05
C THR A 366 -26.23 16.52 -7.80
N LEU A 367 -25.61 17.12 -6.79
CA LEU A 367 -24.22 16.81 -6.47
C LEU A 367 -24.05 16.14 -5.11
N PHE A 368 -24.49 16.78 -4.03
CA PHE A 368 -24.24 16.22 -2.71
C PHE A 368 -25.05 14.97 -2.47
N PHE A 369 -26.21 14.86 -3.09
CA PHE A 369 -27.02 13.67 -2.89
C PHE A 369 -26.48 12.48 -3.69
N PRO A 370 -26.18 12.61 -4.98
CA PRO A 370 -25.54 11.49 -5.67
C PRO A 370 -24.15 11.22 -5.18
N SER A 371 -23.42 12.25 -4.74
CA SER A 371 -22.14 12.00 -4.11
C SER A 371 -22.31 11.23 -2.82
N ALA A 372 -23.34 11.55 -2.03
CA ALA A 372 -23.59 10.79 -0.81
C ALA A 372 -23.93 9.35 -1.13
N ILE A 373 -24.76 9.12 -2.15
CA ILE A 373 -25.12 7.76 -2.53
C ILE A 373 -23.88 7.01 -3.00
N GLU A 374 -23.01 7.67 -3.76
CA GLU A 374 -21.81 7.01 -4.24
C GLU A 374 -20.83 6.73 -3.10
N ARG A 375 -20.66 7.69 -2.19
CA ARG A 375 -19.77 7.46 -1.05
C ARG A 375 -20.28 6.34 -0.18
N VAL A 376 -21.60 6.27 0.02
CA VAL A 376 -22.15 5.20 0.85
C VAL A 376 -22.05 3.86 0.13
N SER A 377 -22.28 3.83 -1.18
CA SER A 377 -22.17 2.59 -1.92
C SER A 377 -20.72 2.19 -2.20
N GLU A 378 -19.77 3.08 -1.92
CA GLU A 378 -18.35 2.76 -2.00
C GLU A 378 -17.73 2.49 -0.65
N ALA A 379 -18.34 2.96 0.44
CA ALA A 379 -17.92 2.65 1.79
C ALA A 379 -18.64 1.46 2.36
N ILE A 380 -19.78 1.07 1.77
CA ILE A 380 -20.43 -0.17 2.19
C ILE A 380 -19.60 -1.37 1.77
N VAL A 381 -18.96 -1.32 0.62
CA VAL A 381 -18.07 -2.42 0.25
C VAL A 381 -16.87 -2.46 1.18
N SER A 382 -16.38 -1.29 1.60
CA SER A 382 -15.27 -1.25 2.55
C SER A 382 -15.69 -1.83 3.89
N ILE A 383 -16.86 -1.45 4.38
CA ILE A 383 -17.37 -2.01 5.63
C ILE A 383 -17.59 -3.50 5.50
N ARG A 384 -18.09 -3.94 4.34
CA ARG A 384 -18.32 -5.37 4.15
C ARG A 384 -17.03 -6.15 4.22
N ARG A 385 -15.96 -5.64 3.59
CA ARG A 385 -14.72 -6.40 3.65
C ARG A 385 -14.03 -6.25 5.01
N ILE A 386 -14.22 -5.13 5.71
CA ILE A 386 -13.63 -5.04 7.03
C ILE A 386 -14.38 -5.90 8.03
N GLN A 387 -15.66 -6.17 7.82
CA GLN A 387 -16.30 -7.16 8.68
C GLN A 387 -16.04 -8.58 8.20
N THR A 388 -15.67 -8.76 6.94
CA THR A 388 -15.09 -10.04 6.53
C THR A 388 -13.81 -10.29 7.29
N PHE A 389 -12.96 -9.26 7.41
CA PHE A 389 -11.70 -9.41 8.14
C PHE A 389 -11.95 -9.58 9.63
N LEU A 390 -12.74 -8.70 10.23
CA LEU A 390 -12.90 -8.68 11.68
C LEU A 390 -13.59 -9.94 12.20
N LEU A 391 -14.18 -10.74 11.32
CA LEU A 391 -14.79 -12.00 11.71
C LEU A 391 -13.90 -13.19 11.41
N LEU A 392 -12.62 -12.97 11.14
CA LEU A 392 -11.71 -14.07 10.88
C LEU A 392 -11.46 -14.87 12.15
N ASP A 393 -10.88 -16.06 11.98
CA ASP A 393 -10.66 -16.98 13.08
C ASP A 393 -9.51 -16.45 13.94
N GLU A 394 -9.87 -15.68 14.96
CA GLU A 394 -8.85 -15.14 15.84
C GLU A 394 -8.23 -16.25 16.68
N ILE A 395 -7.01 -16.00 17.15
CA ILE A 395 -6.32 -16.97 18.00
C ILE A 395 -7.11 -17.14 19.28
N SER A 396 -7.07 -18.35 19.83
CA SER A 396 -7.73 -18.61 21.10
C SER A 396 -7.13 -17.71 22.17
N GLN A 397 -7.93 -16.77 22.66
CA GLN A 397 -7.48 -15.90 23.74
C GLN A 397 -6.99 -16.76 24.89
N ARG A 398 -5.74 -16.53 25.29
CA ARG A 398 -5.00 -17.43 26.16
C ARG A 398 -5.78 -17.78 27.41
N ASN A 399 -6.02 -19.07 27.61
CA ASN A 399 -6.82 -19.55 28.73
C ASN A 399 -6.25 -19.04 30.04
N ARG A 400 -7.15 -18.64 30.95
CA ARG A 400 -6.77 -18.03 32.23
C ARG A 400 -5.61 -18.77 32.88
N GLN A 401 -4.54 -18.04 33.19
CA GLN A 401 -3.40 -18.64 33.86
C GLN A 401 -3.81 -19.14 35.23
N LEU A 402 -3.89 -20.46 35.35
CA LEU A 402 -4.29 -21.06 36.61
C LEU A 402 -3.26 -20.75 37.68
N PRO A 403 -3.63 -20.75 38.97
CA PRO A 403 -2.63 -20.52 40.02
C PRO A 403 -1.45 -21.47 39.88
N SER A 404 -0.29 -20.92 39.54
CA SER A 404 0.90 -21.72 39.32
C SER A 404 1.62 -21.97 40.63
N ASP A 405 2.40 -23.05 40.67
CA ASP A 405 3.19 -23.38 41.85
C ASP A 405 4.50 -22.60 41.82
N GLY A 406 4.55 -21.53 41.02
CA GLY A 406 5.75 -20.76 40.83
C GLY A 406 6.82 -21.44 40.01
N LYS A 407 6.77 -22.76 39.85
CA LYS A 407 7.77 -23.48 39.10
C LYS A 407 7.58 -23.22 37.62
N LYS A 408 8.57 -22.61 37.00
CA LYS A 408 8.54 -22.36 35.56
C LYS A 408 8.87 -23.66 34.84
N MET A 409 7.96 -24.13 34.00
CA MET A 409 8.19 -25.39 33.31
C MET A 409 7.28 -25.47 32.09
N VAL A 410 7.67 -26.34 31.16
CA VAL A 410 6.88 -26.65 29.98
C VAL A 410 6.42 -28.09 30.11
N HIS A 411 5.13 -28.33 29.92
CA HIS A 411 4.56 -29.67 30.09
C HIS A 411 3.63 -29.96 28.93
N VAL A 412 3.98 -30.95 28.12
CA VAL A 412 3.20 -31.31 26.94
C VAL A 412 2.79 -32.78 27.06
N GLN A 413 1.48 -33.03 26.99
CA GLN A 413 0.95 -34.37 27.19
C GLN A 413 0.08 -34.76 26.00
N ASP A 414 0.45 -35.87 25.35
CA ASP A 414 -0.33 -36.46 24.28
C ASP A 414 -0.74 -35.43 23.24
N PHE A 415 0.19 -34.56 22.86
CA PHE A 415 -0.15 -33.44 22.00
C PHE A 415 -0.53 -33.93 20.60
N THR A 416 -1.64 -33.42 20.09
CA THR A 416 -2.09 -33.69 18.74
C THR A 416 -2.73 -32.42 18.20
N ALA A 417 -2.28 -31.98 17.03
CA ALA A 417 -2.80 -30.75 16.46
C ALA A 417 -2.60 -30.74 14.96
N PHE A 418 -3.45 -29.97 14.28
CA PHE A 418 -3.44 -29.84 12.83
C PHE A 418 -3.10 -28.41 12.47
N TRP A 419 -2.15 -28.23 11.56
CA TRP A 419 -1.98 -26.91 10.95
C TRP A 419 -3.22 -26.55 10.16
N ASP A 420 -3.77 -27.51 9.41
CA ASP A 420 -5.08 -27.39 8.79
C ASP A 420 -5.90 -28.60 9.21
N LYS A 421 -7.05 -28.36 9.84
CA LYS A 421 -7.88 -29.45 10.34
C LYS A 421 -8.38 -30.35 9.23
N ALA A 422 -8.53 -29.83 8.01
CA ALA A 422 -8.96 -30.64 6.88
C ALA A 422 -7.94 -31.70 6.48
N SER A 423 -6.68 -31.51 6.85
CA SER A 423 -5.66 -32.51 6.53
C SER A 423 -5.92 -33.79 7.32
N GLU A 424 -5.83 -34.93 6.64
CA GLU A 424 -6.08 -36.20 7.31
C GLU A 424 -5.00 -36.50 8.35
N THR A 425 -3.73 -36.44 7.96
CA THR A 425 -2.65 -36.78 8.87
C THR A 425 -2.32 -35.59 9.76
N PRO A 426 -2.48 -35.71 11.07
CA PRO A 426 -2.18 -34.57 11.96
C PRO A 426 -0.73 -34.17 11.88
N THR A 427 -0.48 -32.87 12.10
CA THR A 427 0.88 -32.37 12.11
C THR A 427 1.72 -33.04 13.19
N LEU A 428 1.15 -33.17 14.39
CA LEU A 428 1.79 -33.84 15.50
C LEU A 428 0.80 -34.77 16.16
N GLN A 429 1.26 -35.93 16.62
CA GLN A 429 0.43 -36.85 17.38
C GLN A 429 1.14 -37.28 18.65
N GLY A 430 0.46 -37.14 19.78
CA GLY A 430 0.89 -37.80 21.01
C GLY A 430 2.25 -37.39 21.51
N LEU A 431 2.59 -36.09 21.38
CA LEU A 431 3.82 -35.60 21.96
C LEU A 431 3.67 -35.45 23.47
N SER A 432 4.71 -35.81 24.21
CA SER A 432 4.71 -35.69 25.66
C SER A 432 6.15 -35.48 26.12
N PHE A 433 6.40 -34.31 26.72
CA PHE A 433 7.71 -34.02 27.29
C PHE A 433 7.55 -32.94 28.34
N THR A 434 8.41 -33.01 29.35
CA THR A 434 8.44 -32.02 30.42
C THR A 434 9.82 -31.40 30.47
N VAL A 435 9.86 -30.07 30.48
CA VAL A 435 11.11 -29.32 30.53
C VAL A 435 11.08 -28.47 31.79
N ARG A 436 12.06 -28.66 32.65
CA ARG A 436 12.22 -27.95 33.90
C ARG A 436 13.42 -27.01 33.82
N PRO A 437 13.54 -26.05 34.73
CA PRO A 437 14.63 -25.08 34.63
C PRO A 437 16.00 -25.74 34.59
N GLY A 438 16.89 -25.19 33.78
CA GLY A 438 18.22 -25.72 33.61
C GLY A 438 18.36 -26.79 32.57
N GLU A 439 17.29 -27.12 31.86
CA GLU A 439 17.30 -28.25 30.92
C GLU A 439 17.32 -27.76 29.49
N LEU A 440 18.27 -28.26 28.71
CA LEU A 440 18.39 -27.97 27.28
C LEU A 440 17.78 -29.14 26.50
N LEU A 441 16.61 -28.91 25.92
CA LEU A 441 15.97 -29.89 25.06
C LEU A 441 16.35 -29.57 23.62
N ALA A 442 16.93 -30.54 22.92
CA ALA A 442 17.23 -30.39 21.51
C ALA A 442 16.26 -31.21 20.68
N VAL A 443 15.62 -30.57 19.72
CA VAL A 443 14.62 -31.20 18.87
C VAL A 443 15.26 -31.50 17.53
N VAL A 444 15.20 -32.76 17.12
CA VAL A 444 15.83 -33.21 15.88
C VAL A 444 14.77 -33.92 15.05
N GLY A 445 14.98 -33.91 13.73
CA GLY A 445 14.10 -34.61 12.82
C GLY A 445 14.38 -34.23 11.38
N PRO A 446 13.63 -34.80 10.46
CA PRO A 446 13.80 -34.47 9.04
C PRO A 446 13.02 -33.21 8.67
N VAL A 447 13.11 -32.86 7.39
CA VAL A 447 12.39 -31.71 6.86
C VAL A 447 10.89 -32.00 6.88
N GLY A 448 10.11 -31.06 7.39
CA GLY A 448 8.67 -31.19 7.47
C GLY A 448 8.18 -32.04 8.63
N ALA A 449 9.07 -32.43 9.55
CA ALA A 449 8.64 -33.25 10.67
C ALA A 449 7.64 -32.53 11.56
N GLY A 450 7.93 -31.27 11.88
CA GLY A 450 7.07 -30.52 12.77
C GLY A 450 7.82 -29.94 13.95
N LYS A 451 9.14 -29.81 13.83
CA LYS A 451 9.92 -29.23 14.92
C LYS A 451 9.54 -27.77 15.16
N SER A 452 9.46 -26.98 14.11
CA SER A 452 8.92 -25.63 14.26
C SER A 452 7.45 -25.69 14.62
N SER A 453 6.70 -26.66 14.09
CA SER A 453 5.35 -26.89 14.60
C SER A 453 5.38 -27.18 16.09
N LEU A 454 6.40 -27.89 16.57
CA LEU A 454 6.49 -28.17 18.00
C LEU A 454 6.70 -26.90 18.80
N LEU A 455 7.63 -26.05 18.35
CA LEU A 455 7.85 -24.79 19.08
C LEU A 455 6.59 -23.93 19.05
N SER A 456 5.88 -23.91 17.93
CA SER A 456 4.61 -23.19 17.87
C SER A 456 3.63 -23.78 18.87
N ALA A 457 3.61 -25.11 18.99
CA ALA A 457 2.73 -25.77 19.95
C ALA A 457 3.01 -25.29 21.37
N VAL A 458 4.29 -25.23 21.74
CA VAL A 458 4.62 -24.68 23.04
C VAL A 458 4.19 -23.22 23.12
N LEU A 459 4.26 -22.51 21.99
CA LEU A 459 3.82 -21.11 21.96
C LEU A 459 2.32 -20.97 22.13
N GLY A 460 1.55 -22.01 21.84
CA GLY A 460 0.12 -21.86 21.77
C GLY A 460 -0.37 -21.41 20.41
N GLU A 461 0.54 -21.25 19.45
CA GLU A 461 0.14 -20.88 18.10
C GLU A 461 -0.43 -22.08 17.34
N LEU A 462 -0.37 -23.26 17.95
CA LEU A 462 -0.88 -24.48 17.35
C LEU A 462 -1.91 -25.09 18.30
N ALA A 463 -3.18 -24.90 17.99
CA ALA A 463 -4.25 -25.35 18.88
C ALA A 463 -4.29 -26.88 18.92
N PRO A 464 -4.22 -27.48 20.10
CA PRO A 464 -4.20 -28.95 20.20
C PRO A 464 -5.56 -29.55 19.88
N SER A 465 -5.56 -30.51 18.97
CA SER A 465 -6.75 -31.33 18.77
C SER A 465 -6.96 -32.27 19.95
N HIS A 466 -5.87 -32.83 20.49
CA HIS A 466 -5.92 -33.67 21.67
C HIS A 466 -4.60 -33.50 22.42
N GLY A 467 -4.68 -33.63 23.74
CA GLY A 467 -3.53 -33.39 24.59
C GLY A 467 -3.57 -32.02 25.21
N LEU A 468 -2.61 -31.78 26.10
CA LEU A 468 -2.57 -30.56 26.89
C LEU A 468 -1.18 -29.95 26.87
N VAL A 469 -1.12 -28.62 26.90
CA VAL A 469 0.13 -27.88 27.02
C VAL A 469 -0.04 -26.91 28.18
N SER A 470 0.85 -27.02 29.17
CA SER A 470 0.93 -26.07 30.26
C SER A 470 2.30 -25.43 30.23
N VAL A 471 2.34 -24.13 29.96
CA VAL A 471 3.58 -23.37 29.85
C VAL A 471 3.45 -22.17 30.77
N HIS A 472 4.46 -21.95 31.61
CA HIS A 472 4.45 -20.87 32.60
C HIS A 472 5.78 -20.12 32.50
N GLY A 473 5.70 -18.83 32.21
CA GLY A 473 6.88 -17.99 32.24
C GLY A 473 6.99 -17.15 30.99
N ARG A 474 7.92 -16.21 31.03
CA ARG A 474 8.23 -15.38 29.88
C ARG A 474 8.98 -16.17 28.82
N ILE A 475 8.50 -16.11 27.59
CA ILE A 475 8.96 -16.97 26.50
C ILE A 475 9.64 -16.12 25.45
N ALA A 476 10.90 -16.44 25.15
CA ALA A 476 11.67 -15.80 24.10
C ALA A 476 11.76 -16.76 22.91
N TYR A 477 11.26 -16.32 21.77
CA TYR A 477 11.13 -17.16 20.59
C TYR A 477 12.03 -16.66 19.48
N VAL A 478 12.88 -17.54 18.95
CA VAL A 478 13.62 -17.30 17.72
C VAL A 478 12.97 -18.14 16.64
N SER A 479 12.41 -17.48 15.64
CA SER A 479 11.79 -18.18 14.53
C SER A 479 12.84 -18.86 13.66
N GLN A 480 12.39 -19.88 12.93
CA GLN A 480 13.28 -20.54 11.98
C GLN A 480 13.71 -19.57 10.89
N GLN A 481 12.78 -18.78 10.37
CA GLN A 481 13.13 -17.68 9.48
C GLN A 481 13.34 -16.44 10.34
N PRO A 482 14.54 -15.84 10.33
CA PRO A 482 14.81 -14.72 11.23
C PRO A 482 13.93 -13.53 10.91
N TRP A 483 13.42 -12.88 11.95
CA TRP A 483 12.63 -11.66 11.79
C TRP A 483 13.55 -10.47 11.96
N VAL A 484 13.68 -9.67 10.90
CA VAL A 484 14.47 -8.45 10.93
C VAL A 484 13.55 -7.30 10.53
N PHE A 485 13.30 -6.39 11.46
CA PHE A 485 12.34 -5.32 11.27
C PHE A 485 13.04 -3.96 11.25
N SER A 486 12.36 -2.98 10.65
CA SER A 486 12.95 -1.67 10.45
C SER A 486 13.31 -1.03 11.77
N GLY A 487 14.49 -0.43 11.84
CA GLY A 487 15.02 0.13 13.05
C GLY A 487 16.49 -0.18 13.20
N THR A 488 17.17 0.51 14.10
CA THR A 488 18.60 0.27 14.28
C THR A 488 18.83 -1.11 14.90
N LEU A 489 19.99 -1.68 14.59
CA LEU A 489 20.29 -3.04 15.04
C LEU A 489 20.25 -3.13 16.56
N ARG A 490 20.69 -2.09 17.25
CA ARG A 490 20.53 -2.03 18.70
C ARG A 490 19.06 -2.06 19.08
N SER A 491 18.24 -1.30 18.36
CA SER A 491 16.80 -1.32 18.60
C SER A 491 16.19 -2.66 18.18
N ASN A 492 16.77 -3.29 17.16
CA ASN A 492 16.34 -4.64 16.79
C ASN A 492 16.57 -5.62 17.93
N ILE A 493 17.73 -5.55 18.57
CA ILE A 493 18.04 -6.46 19.66
C ILE A 493 17.19 -6.13 20.88
N LEU A 494 16.98 -4.84 21.15
CA LEU A 494 16.21 -4.45 22.33
C LEU A 494 14.77 -4.93 22.24
N PHE A 495 14.14 -4.78 21.08
CA PHE A 495 12.74 -5.15 20.89
C PHE A 495 11.87 -4.48 21.96
N GLY A 496 12.15 -3.21 22.21
CA GLY A 496 11.43 -2.47 23.22
C GLY A 496 11.91 -2.68 24.63
N LYS A 497 12.94 -3.49 24.84
CA LYS A 497 13.52 -3.62 26.17
C LYS A 497 14.53 -2.49 26.40
N LYS A 498 14.66 -2.10 27.66
CA LYS A 498 15.59 -1.05 28.04
C LYS A 498 17.03 -1.46 27.72
N TYR A 499 17.81 -0.49 27.26
CA TYR A 499 19.18 -0.74 26.82
C TYR A 499 20.12 -0.75 28.02
N GLU A 500 20.90 -1.82 28.16
CA GLU A 500 21.88 -1.96 29.23
C GLU A 500 23.21 -2.37 28.59
N LYS A 501 24.24 -1.57 28.84
CA LYS A 501 25.48 -1.67 28.08
C LYS A 501 26.19 -3.01 28.31
N GLU A 502 26.36 -3.41 29.56
CA GLU A 502 27.18 -4.57 29.87
C GLU A 502 26.55 -5.86 29.32
N ARG A 503 25.28 -6.08 29.62
CA ARG A 503 24.60 -7.28 29.14
C ARG A 503 24.47 -7.28 27.62
N TYR A 504 24.27 -6.11 27.01
CA TYR A 504 24.23 -6.06 25.55
C TYR A 504 25.57 -6.46 24.96
N GLU A 505 26.67 -5.96 25.56
CA GLU A 505 28.00 -6.34 25.11
C GLU A 505 28.21 -7.84 25.25
N LYS A 506 27.80 -8.39 26.39
CA LYS A 506 27.95 -9.82 26.63
C LYS A 506 27.17 -10.64 25.59
N VAL A 507 25.93 -10.23 25.30
CA VAL A 507 25.12 -10.96 24.33
C VAL A 507 25.73 -10.88 22.94
N ILE A 508 26.15 -9.68 22.53
CA ILE A 508 26.72 -9.52 21.20
C ILE A 508 28.00 -10.34 21.06
N LYS A 509 28.85 -10.33 22.08
CA LYS A 509 30.03 -11.18 22.06
C LYS A 509 29.65 -12.65 21.98
N ALA A 510 28.63 -13.06 22.76
CA ALA A 510 28.15 -14.43 22.67
C ALA A 510 27.55 -14.74 21.31
N CYS A 511 26.78 -13.80 20.76
CA CYS A 511 26.12 -14.01 19.48
C CYS A 511 27.05 -13.81 18.29
N ALA A 512 28.36 -13.71 18.53
CA ALA A 512 29.37 -13.59 17.47
C ALA A 512 29.11 -12.42 16.55
N LEU A 513 28.51 -11.34 17.06
CA LEU A 513 28.18 -10.18 16.24
C LEU A 513 29.19 -9.04 16.37
N LYS A 514 30.21 -9.19 17.21
CA LYS A 514 31.14 -8.08 17.45
C LYS A 514 31.92 -7.73 16.18
N LYS A 515 32.50 -8.73 15.53
CA LYS A 515 33.27 -8.48 14.31
C LYS A 515 32.36 -7.95 13.21
N ASP A 516 31.14 -8.50 13.10
CA ASP A 516 30.20 -8.05 12.08
C ASP A 516 29.87 -6.58 12.27
N LEU A 517 29.64 -6.16 13.52
CA LEU A 517 29.42 -4.75 13.80
C LEU A 517 30.67 -3.93 13.51
N GLN A 518 31.85 -4.45 13.82
CA GLN A 518 33.09 -3.73 13.59
C GLN A 518 33.34 -3.45 12.12
N LEU A 519 33.06 -4.40 11.23
CA LEU A 519 33.24 -4.16 9.80
C LEU A 519 32.20 -3.23 9.22
N LEU A 520 31.18 -2.84 10.00
CA LEU A 520 30.18 -1.88 9.55
C LEU A 520 30.67 -0.47 9.84
N GLU A 521 30.26 0.48 8.99
CA GLU A 521 30.65 1.87 9.19
C GLU A 521 30.09 2.42 10.50
N ASP A 522 28.80 2.16 10.76
CA ASP A 522 28.12 2.69 11.93
C ASP A 522 28.00 1.68 13.06
N GLY A 523 28.57 0.49 12.89
CA GLY A 523 28.49 -0.54 13.91
C GLY A 523 27.08 -0.99 14.19
N ASP A 524 26.71 -1.08 15.46
CA ASP A 524 25.39 -1.55 15.84
C ASP A 524 24.29 -0.51 15.57
N LEU A 525 24.65 0.74 15.34
CA LEU A 525 23.67 1.78 15.10
C LEU A 525 23.25 1.85 13.64
N THR A 526 23.78 0.99 12.78
CA THR A 526 23.41 0.97 11.38
C THR A 526 21.93 0.68 11.21
N VAL A 527 21.27 1.46 10.36
CA VAL A 527 19.85 1.27 10.08
C VAL A 527 19.71 0.12 9.10
N ILE A 528 19.18 -1.01 9.58
CA ILE A 528 19.00 -2.19 8.74
C ILE A 528 17.79 -1.96 7.85
N GLY A 529 17.95 -2.23 6.56
CA GLY A 529 16.88 -2.01 5.61
C GLY A 529 15.74 -2.99 5.78
N ASP A 530 14.68 -2.75 5.01
CA ASP A 530 13.48 -3.58 5.08
C ASP A 530 13.81 -5.01 4.69
N ARG A 531 13.30 -5.97 5.47
CA ARG A 531 13.45 -7.41 5.27
C ARG A 531 14.90 -7.87 5.34
N GLY A 532 15.82 -7.08 5.87
CA GLY A 532 17.20 -7.50 6.00
C GLY A 532 17.93 -7.71 4.69
N THR A 533 17.71 -6.82 3.72
CA THR A 533 18.48 -6.88 2.48
C THR A 533 19.87 -6.28 2.64
N THR A 534 20.12 -5.57 3.74
CA THR A 534 21.46 -5.06 4.00
C THR A 534 22.34 -6.10 4.67
N LEU A 535 21.77 -7.17 5.20
CA LEU A 535 22.51 -8.18 5.94
C LEU A 535 22.50 -9.51 5.18
N SER A 536 23.35 -10.43 5.61
CA SER A 536 23.33 -11.78 5.08
C SER A 536 22.42 -12.68 5.92
N GLY A 537 22.23 -13.90 5.44
CA GLY A 537 21.36 -14.83 6.16
C GLY A 537 21.87 -15.15 7.56
N GLY A 538 23.16 -15.44 7.68
CA GLY A 538 23.72 -15.67 8.99
C GLY A 538 23.64 -14.44 9.88
N GLN A 539 23.83 -13.26 9.30
CA GLN A 539 23.68 -12.03 10.06
C GLN A 539 22.25 -11.86 10.56
N LYS A 540 21.25 -12.16 9.72
CA LYS A 540 19.87 -12.08 10.16
C LYS A 540 19.59 -13.08 11.28
N ALA A 541 20.11 -14.30 11.15
CA ALA A 541 19.89 -15.31 12.19
C ALA A 541 20.53 -14.86 13.50
N ARG A 542 21.74 -14.32 13.44
CA ARG A 542 22.40 -13.85 14.65
C ARG A 542 21.64 -12.69 15.27
N VAL A 543 21.12 -11.78 14.44
CA VAL A 543 20.33 -10.67 14.95
C VAL A 543 19.09 -11.19 15.68
N ASN A 544 18.41 -12.17 15.08
CA ASN A 544 17.21 -12.73 15.70
C ASN A 544 17.53 -13.40 17.03
N LEU A 545 18.59 -14.20 17.06
CA LEU A 545 18.99 -14.90 18.28
C LEU A 545 19.35 -13.90 19.37
N ALA A 546 20.09 -12.84 19.02
CA ALA A 546 20.43 -11.81 19.99
C ALA A 546 19.18 -11.11 20.50
N ARG A 547 18.22 -10.83 19.62
CA ARG A 547 16.99 -10.18 20.05
C ARG A 547 16.29 -11.02 21.10
N ALA A 548 16.20 -12.33 20.87
CA ALA A 548 15.55 -13.18 21.86
C ALA A 548 16.35 -13.22 23.16
N VAL A 549 17.67 -13.33 23.06
CA VAL A 549 18.50 -13.47 24.25
C VAL A 549 18.39 -12.24 25.14
N TYR A 550 18.36 -11.05 24.53
CA TYR A 550 18.36 -9.83 25.32
C TYR A 550 17.16 -9.71 26.24
N GLN A 551 16.01 -10.26 25.85
CA GLN A 551 14.80 -10.12 26.66
C GLN A 551 14.89 -10.94 27.95
N ASP A 552 15.99 -11.67 28.14
CA ASP A 552 16.32 -12.50 29.31
C ASP A 552 15.07 -13.18 29.91
N ALA A 553 14.44 -13.98 29.06
CA ALA A 553 13.21 -14.67 29.42
C ALA A 553 13.49 -15.90 30.29
N ASP A 554 12.45 -16.71 30.52
CA ASP A 554 12.58 -17.97 31.21
C ASP A 554 12.62 -19.17 30.28
N ILE A 555 11.74 -19.22 29.28
CA ILE A 555 11.64 -20.35 28.36
C ILE A 555 12.05 -19.86 26.99
N TYR A 556 12.99 -20.56 26.36
CA TYR A 556 13.56 -20.11 25.10
C TYR A 556 13.29 -21.13 24.02
N LEU A 557 12.45 -20.77 23.07
CA LEU A 557 12.11 -21.61 21.94
C LEU A 557 12.99 -21.19 20.78
N LEU A 558 14.10 -21.88 20.58
CA LEU A 558 15.07 -21.59 19.54
C LEU A 558 14.76 -22.48 18.34
N ASP A 559 14.50 -21.87 17.19
CA ASP A 559 14.14 -22.65 16.01
C ASP A 559 15.31 -22.67 15.04
N ASP A 560 16.30 -23.50 15.36
CA ASP A 560 17.47 -23.72 14.51
C ASP A 560 18.15 -22.43 14.04
N PRO A 561 18.64 -21.61 14.97
CA PRO A 561 19.37 -20.41 14.55
C PRO A 561 20.78 -20.69 14.06
N LEU A 562 21.12 -21.96 13.82
CA LEU A 562 22.45 -22.37 13.44
C LEU A 562 22.55 -22.87 12.00
N SER A 563 21.42 -22.97 11.29
CA SER A 563 21.45 -23.48 9.93
C SER A 563 21.83 -22.40 8.92
N ALA A 564 21.78 -21.14 9.32
CA ALA A 564 22.11 -20.03 8.43
C ALA A 564 23.56 -19.57 8.56
N VAL A 565 24.34 -20.19 9.43
CA VAL A 565 25.72 -19.77 9.68
C VAL A 565 26.65 -20.94 9.37
N ASP A 566 27.92 -20.62 9.19
CA ASP A 566 28.92 -21.64 8.88
C ASP A 566 29.18 -22.51 10.11
N ALA A 567 30.10 -23.46 9.94
CA ALA A 567 30.42 -24.39 11.03
C ALA A 567 31.00 -23.69 12.24
N GLU A 568 31.98 -22.80 12.03
CA GLU A 568 32.64 -22.15 13.16
C GLU A 568 31.69 -21.22 13.89
N VAL A 569 30.91 -20.42 13.15
CA VAL A 569 29.98 -19.50 13.79
C VAL A 569 28.91 -20.29 14.54
N SER A 570 28.42 -21.38 13.95
CA SER A 570 27.40 -22.19 14.62
C SER A 570 27.95 -22.83 15.90
N ARG A 571 29.19 -23.32 15.85
CA ARG A 571 29.80 -23.88 17.06
C ARG A 571 29.98 -22.80 18.13
N HIS A 572 30.42 -21.61 17.71
CA HIS A 572 30.55 -20.49 18.64
C HIS A 572 29.21 -20.16 19.28
N LEU A 573 28.15 -20.14 18.49
CA LEU A 573 26.82 -19.83 19.01
C LEU A 573 26.35 -20.91 19.98
N PHE A 574 26.55 -22.18 19.64
CA PHE A 574 26.09 -23.25 20.52
C PHE A 574 26.87 -23.24 21.83
N GLU A 575 28.17 -22.99 21.78
CA GLU A 575 28.97 -23.02 23.00
C GLU A 575 28.74 -21.77 23.84
N LEU A 576 29.08 -20.59 23.32
CA LEU A 576 29.07 -19.39 24.14
C LEU A 576 27.67 -18.84 24.40
N CYS A 577 26.78 -18.93 23.41
CA CYS A 577 25.44 -18.36 23.57
C CYS A 577 24.48 -19.32 24.24
N ILE A 578 24.28 -20.50 23.64
CA ILE A 578 23.29 -21.44 24.13
C ILE A 578 23.75 -22.09 25.43
N CYS A 579 24.98 -22.59 25.46
CA CYS A 579 25.41 -23.41 26.59
C CYS A 579 25.83 -22.57 27.80
N GLN A 580 25.87 -21.24 27.68
CA GLN A 580 26.32 -20.39 28.77
C GLN A 580 25.23 -19.46 29.28
N ILE A 581 24.66 -18.63 28.39
CA ILE A 581 23.54 -17.79 28.81
C ILE A 581 22.32 -18.65 29.12
N LEU A 582 22.05 -19.65 28.29
CA LEU A 582 20.94 -20.56 28.50
C LEU A 582 21.35 -21.82 29.24
N HIS A 583 22.36 -21.73 30.11
CA HIS A 583 22.70 -22.86 30.96
C HIS A 583 21.72 -23.01 32.12
N GLU A 584 21.10 -21.92 32.56
CA GLU A 584 20.16 -21.96 33.67
C GLU A 584 18.72 -21.76 33.25
N LYS A 585 18.47 -21.34 32.01
CA LYS A 585 17.12 -21.08 31.54
C LYS A 585 16.52 -22.30 30.86
N ILE A 586 15.20 -22.39 30.92
CA ILE A 586 14.44 -23.41 30.20
C ILE A 586 14.68 -23.17 28.72
N THR A 587 15.03 -24.21 27.97
CA THR A 587 15.38 -24.04 26.57
C THR A 587 14.96 -25.25 25.76
N ILE A 588 14.28 -25.01 24.65
CA ILE A 588 13.96 -26.03 23.67
C ILE A 588 14.59 -25.59 22.35
N LEU A 589 15.48 -26.42 21.81
CA LEU A 589 16.24 -26.14 20.60
C LEU A 589 15.80 -27.07 19.49
N VAL A 590 15.48 -26.51 18.33
CA VAL A 590 15.34 -27.30 17.11
C VAL A 590 16.68 -27.27 16.38
N THR A 591 17.14 -28.42 15.93
CA THR A 591 18.43 -28.45 15.24
C THR A 591 18.46 -29.57 14.22
N HIS A 592 19.03 -29.26 13.05
CA HIS A 592 19.43 -30.26 12.09
C HIS A 592 20.89 -30.65 12.22
N GLN A 593 21.67 -29.90 13.01
CA GLN A 593 23.06 -30.24 13.27
C GLN A 593 23.10 -31.25 14.39
N LEU A 594 23.43 -32.50 14.04
CA LEU A 594 23.55 -33.56 15.03
C LEU A 594 24.74 -33.32 15.95
N GLN A 595 25.69 -32.47 15.51
CA GLN A 595 26.94 -32.28 16.23
C GLN A 595 26.73 -31.78 17.64
N TYR A 596 25.58 -31.17 17.92
CA TYR A 596 25.30 -30.60 19.22
C TYR A 596 24.56 -31.55 20.15
N LEU A 597 24.06 -32.67 19.63
CA LEU A 597 23.29 -33.60 20.44
C LEU A 597 24.09 -34.17 21.60
N LYS A 598 25.42 -34.26 21.46
CA LYS A 598 26.23 -34.74 22.56
C LYS A 598 26.18 -33.81 23.75
N ALA A 599 26.02 -32.51 23.51
CA ALA A 599 25.97 -31.53 24.60
C ALA A 599 24.56 -31.18 25.02
N ALA A 600 23.55 -31.79 24.42
CA ALA A 600 22.17 -31.53 24.82
C ALA A 600 21.81 -32.31 26.07
N SER A 601 21.22 -31.61 27.04
CA SER A 601 20.81 -32.28 28.27
C SER A 601 19.73 -33.33 28.00
N GLN A 602 18.77 -33.01 27.14
CA GLN A 602 17.76 -33.97 26.72
C GLN A 602 17.49 -33.76 25.24
N ILE A 603 17.04 -34.81 24.56
CA ILE A 603 16.81 -34.78 23.12
C ILE A 603 15.42 -35.37 22.84
N LEU A 604 14.71 -34.75 21.91
CA LEU A 604 13.46 -35.28 21.38
C LEU A 604 13.59 -35.40 19.87
N ILE A 605 13.32 -36.58 19.34
CA ILE A 605 13.39 -36.85 17.91
C ILE A 605 11.97 -36.95 17.38
N LEU A 606 11.71 -36.26 16.27
CA LEU A 606 10.38 -36.11 15.70
C LEU A 606 10.43 -36.44 14.21
N LYS A 607 9.51 -37.29 13.77
CA LYS A 607 9.45 -37.67 12.37
C LYS A 607 7.99 -37.91 11.99
N ASP A 608 7.49 -37.13 11.04
CA ASP A 608 6.11 -37.20 10.58
C ASP A 608 5.14 -37.05 11.76
N GLY A 609 5.47 -36.12 12.65
CA GLY A 609 4.70 -35.90 13.85
C GLY A 609 4.69 -37.11 14.77
N LYS A 610 5.79 -37.86 14.76
CA LYS A 610 5.95 -39.03 15.62
C LYS A 610 7.11 -38.73 16.56
N MET A 611 6.83 -38.61 17.85
CA MET A 611 7.95 -38.58 18.78
C MET A 611 8.58 -39.97 18.80
N VAL A 612 9.67 -40.13 18.06
CA VAL A 612 10.26 -41.44 17.86
C VAL A 612 10.91 -41.93 19.16
N GLN A 613 11.68 -41.06 19.81
CA GLN A 613 12.34 -41.43 21.05
C GLN A 613 12.81 -40.17 21.76
N LYS A 614 12.61 -40.15 23.07
CA LYS A 614 12.99 -39.03 23.91
C LYS A 614 13.99 -39.50 24.95
N GLY A 615 15.13 -38.82 25.02
CA GLY A 615 16.15 -39.18 25.99
C GLY A 615 17.42 -38.43 25.73
N THR A 616 18.45 -38.80 26.48
CA THR A 616 19.77 -38.20 26.35
C THR A 616 20.54 -38.90 25.23
N TYR A 617 21.48 -38.15 24.62
CA TYR A 617 22.28 -38.68 23.53
C TYR A 617 22.96 -39.99 23.90
N THR A 618 23.36 -40.12 25.17
CA THR A 618 23.95 -41.37 25.62
C THR A 618 22.99 -42.53 25.47
N GLU A 619 21.72 -42.33 25.83
CA GLU A 619 20.72 -43.40 25.70
C GLU A 619 20.47 -43.72 24.23
N PHE A 620 20.66 -42.74 23.34
CA PHE A 620 20.49 -43.01 21.92
C PHE A 620 21.68 -43.79 21.36
N LEU A 621 22.89 -43.50 21.85
CA LEU A 621 24.03 -44.33 21.51
C LEU A 621 23.85 -45.76 22.03
N LYS A 622 23.31 -45.88 23.24
CA LYS A 622 23.14 -47.19 23.85
C LYS A 622 22.16 -48.06 23.07
N SER A 623 21.23 -47.44 22.36
CA SER A 623 20.31 -48.17 21.49
C SER A 623 20.92 -48.51 20.15
N GLY A 624 22.10 -47.98 19.83
CA GLY A 624 22.76 -48.29 18.58
C GLY A 624 22.09 -47.74 17.35
N ILE A 625 21.37 -46.63 17.47
CA ILE A 625 20.64 -46.06 16.35
C ILE A 625 21.47 -44.95 15.73
N ASP A 626 21.72 -45.04 14.43
CA ASP A 626 22.54 -44.06 13.72
C ASP A 626 21.68 -42.86 13.36
N PHE A 627 22.16 -41.66 13.73
CA PHE A 627 21.39 -40.44 13.47
C PHE A 627 21.32 -40.10 11.99
N GLY A 628 22.40 -40.36 11.25
CA GLY A 628 22.36 -40.16 9.82
C GLY A 628 21.32 -41.03 9.14
N SER A 629 21.20 -42.28 9.58
CA SER A 629 20.12 -43.14 9.10
C SER A 629 18.76 -42.59 9.49
N LEU A 630 18.63 -42.08 10.71
CA LEU A 630 17.37 -41.48 11.16
C LEU A 630 16.99 -40.28 10.32
N LEU A 631 17.96 -39.54 9.78
CA LEU A 631 17.67 -38.38 8.96
C LEU A 631 17.55 -38.69 7.48
N LYS A 632 18.23 -39.72 6.99
CA LYS A 632 18.17 -40.10 5.58
C LYS A 632 16.90 -40.91 5.34
N LYS A 633 16.15 -40.53 4.30
CA LYS A 633 14.95 -41.26 3.91
C LYS A 633 15.08 -41.80 2.49
C GLY A 697 6.07 22.30 -12.76
N PHE A 698 6.20 23.20 -13.73
CA PHE A 698 5.33 23.14 -14.90
C PHE A 698 5.72 22.01 -15.85
N GLN A 699 6.99 21.62 -15.85
CA GLN A 699 7.39 20.52 -16.72
C GLN A 699 6.70 19.23 -16.34
N ALA A 700 6.35 19.07 -15.06
CA ALA A 700 5.56 17.93 -14.65
C ALA A 700 4.20 17.94 -15.30
N TYR A 701 3.55 19.10 -15.36
CA TYR A 701 2.22 19.19 -15.95
C TYR A 701 2.28 18.94 -17.45
N LYS A 702 3.30 19.45 -18.13
CA LYS A 702 3.43 19.14 -19.55
C LYS A 702 3.70 17.66 -19.77
N ASN A 703 4.60 17.07 -18.97
CA ASN A 703 4.92 15.66 -19.08
C ASN A 703 3.74 14.78 -18.65
N TYR A 704 2.78 15.34 -17.94
CA TYR A 704 1.59 14.62 -17.51
C TYR A 704 0.49 14.69 -18.57
N PHE A 705 0.15 15.89 -19.02
CA PHE A 705 -0.90 16.00 -20.03
C PHE A 705 -0.44 15.41 -21.35
N ARG A 706 0.80 15.69 -21.76
CA ARG A 706 1.28 15.18 -23.04
C ARG A 706 1.41 13.66 -23.00
N ALA A 707 1.56 13.08 -21.82
CA ALA A 707 1.49 11.64 -21.69
C ALA A 707 0.09 11.12 -21.89
N GLY A 708 -0.89 12.01 -22.09
CA GLY A 708 -2.26 11.62 -22.28
C GLY A 708 -2.57 11.57 -23.76
N ALA A 709 -3.13 12.65 -24.29
CA ALA A 709 -3.33 12.77 -25.72
C ALA A 709 -2.49 13.92 -26.27
N HIS A 710 -2.42 13.96 -27.60
CA HIS A 710 -1.68 15.00 -28.30
C HIS A 710 -2.14 16.37 -27.85
N TRP A 711 -1.24 17.35 -27.90
CA TRP A 711 -1.58 18.69 -27.45
C TRP A 711 -2.76 19.28 -28.22
N ILE A 712 -3.03 18.78 -29.43
CA ILE A 712 -4.20 19.25 -30.16
C ILE A 712 -5.48 18.81 -29.46
N VAL A 713 -5.49 17.60 -28.90
CA VAL A 713 -6.64 17.18 -28.11
C VAL A 713 -6.77 18.05 -26.87
N PHE A 714 -5.66 18.48 -26.29
CA PHE A 714 -5.76 19.40 -25.16
C PHE A 714 -6.29 20.76 -25.59
N ILE A 715 -5.97 21.21 -26.81
CA ILE A 715 -6.56 22.45 -27.30
C ILE A 715 -8.06 22.30 -27.49
N PHE A 716 -8.47 21.17 -28.06
CA PHE A 716 -9.91 20.87 -28.17
C PHE A 716 -10.55 20.83 -26.80
N LEU A 717 -9.85 20.27 -25.81
CA LEU A 717 -10.38 20.22 -24.45
C LEU A 717 -10.53 21.60 -23.85
N ILE A 718 -9.55 22.48 -24.05
CA ILE A 718 -9.68 23.85 -23.55
C ILE A 718 -10.85 24.54 -24.23
N LEU A 719 -10.97 24.38 -25.55
CA LEU A 719 -12.07 24.98 -26.27
C LEU A 719 -13.41 24.45 -25.79
N LEU A 720 -13.47 23.16 -25.47
CA LEU A 720 -14.71 22.55 -25.01
C LEU A 720 -15.07 23.00 -23.60
N ASN A 721 -14.08 23.09 -22.71
CA ASN A 721 -14.31 23.62 -21.38
C ASN A 721 -14.82 25.05 -21.44
N THR A 722 -14.15 25.89 -22.23
CA THR A 722 -14.49 27.29 -22.31
C THR A 722 -15.63 27.57 -23.28
N ALA A 723 -16.17 26.55 -23.92
CA ALA A 723 -17.46 26.68 -24.58
C ALA A 723 -18.59 26.24 -23.65
N ALA A 724 -18.35 25.20 -22.85
CA ALA A 724 -19.35 24.80 -21.88
C ALA A 724 -19.59 25.90 -20.87
N GLN A 725 -18.53 26.56 -20.40
CA GLN A 725 -18.75 27.62 -19.42
C GLN A 725 -19.37 28.86 -20.05
N VAL A 726 -18.98 29.19 -21.29
CA VAL A 726 -19.63 30.30 -21.96
C VAL A 726 -21.10 30.04 -22.26
N ALA A 727 -21.48 28.82 -22.57
CA ALA A 727 -22.90 28.53 -22.73
C ALA A 727 -23.64 28.47 -21.41
N TYR A 728 -23.02 27.93 -20.37
CA TYR A 728 -23.63 27.93 -19.05
C TYR A 728 -23.84 29.34 -18.56
N VAL A 729 -23.00 30.27 -18.98
CA VAL A 729 -23.18 31.67 -18.63
C VAL A 729 -24.08 32.38 -19.64
N LEU A 730 -23.99 32.03 -20.92
CA LEU A 730 -24.85 32.66 -21.90
C LEU A 730 -26.31 32.29 -21.73
N GLN A 731 -26.63 31.15 -21.13
CA GLN A 731 -28.03 30.85 -20.84
C GLN A 731 -28.58 31.81 -19.79
N ASP A 732 -27.84 32.02 -18.71
CA ASP A 732 -28.27 32.98 -17.71
C ASP A 732 -28.37 34.37 -18.31
N TRP A 733 -27.38 34.75 -19.12
CA TRP A 733 -27.44 36.05 -19.76
C TRP A 733 -28.61 36.15 -20.72
N TRP A 734 -28.99 35.04 -21.35
CA TRP A 734 -30.11 35.09 -22.28
C TRP A 734 -31.40 35.28 -21.54
N LEU A 735 -31.55 34.64 -20.38
CA LEU A 735 -32.70 34.96 -19.54
C LEU A 735 -32.69 36.42 -19.14
N SER A 736 -31.52 36.96 -18.83
CA SER A 736 -31.42 38.37 -18.47
C SER A 736 -31.80 39.27 -19.64
N TYR A 737 -31.36 38.94 -20.85
CA TYR A 737 -31.63 39.78 -22.00
C TYR A 737 -33.09 39.67 -22.41
N TRP A 738 -33.65 38.47 -22.30
CA TRP A 738 -35.08 38.29 -22.51
C TRP A 738 -35.86 39.13 -21.52
N ALA A 739 -35.44 39.15 -20.26
CA ALA A 739 -36.15 39.93 -19.25
C ALA A 739 -36.03 41.42 -19.54
N ASN A 740 -34.86 41.88 -19.97
CA ASN A 740 -34.71 43.29 -20.32
C ASN A 740 -35.59 43.64 -21.53
N LYS A 741 -35.62 42.79 -22.54
CA LYS A 741 -36.44 43.06 -23.71
C LYS A 741 -37.92 43.01 -23.37
N GLN A 742 -38.30 42.24 -22.36
CA GLN A 742 -39.69 42.26 -21.91
C GLN A 742 -39.99 43.50 -21.09
N SER A 743 -39.03 43.97 -20.29
CA SER A 743 -39.26 45.17 -19.49
C SER A 743 -39.56 46.37 -20.38
N MET A 744 -38.79 46.54 -21.44
CA MET A 744 -38.97 47.65 -22.37
C MET A 744 -39.96 47.24 -23.46
N LEU A 745 -41.20 47.03 -23.05
CA LEU A 745 -42.23 46.57 -23.96
C LEU A 745 -43.52 47.32 -23.69
N ASN A 746 -44.35 47.43 -24.74
CA ASN A 746 -45.60 48.19 -24.78
C ASN A 746 -45.64 49.41 -23.85
N THR A 756 -51.57 44.65 -29.84
CA THR A 756 -50.54 45.39 -29.11
C THR A 756 -49.14 44.93 -29.54
N GLU A 757 -48.25 44.80 -28.57
CA GLU A 757 -46.88 44.37 -28.80
C GLU A 757 -46.60 43.10 -28.01
N LYS A 758 -45.97 42.12 -28.66
CA LYS A 758 -45.67 40.84 -28.01
C LYS A 758 -44.18 40.57 -28.23
N LEU A 759 -43.71 39.42 -27.79
CA LEU A 759 -42.31 39.02 -27.97
C LEU A 759 -42.27 37.75 -28.79
N ASP A 760 -41.31 37.68 -29.72
CA ASP A 760 -41.27 36.58 -30.68
C ASP A 760 -40.84 35.32 -29.93
N LEU A 761 -41.83 34.68 -29.29
CA LEU A 761 -41.54 33.58 -28.39
C LEU A 761 -40.84 32.43 -29.09
N ASN A 762 -41.12 32.22 -30.37
CA ASN A 762 -40.41 31.20 -31.13
C ASN A 762 -38.92 31.44 -31.07
N TRP A 763 -38.50 32.66 -31.40
CA TRP A 763 -37.07 32.99 -31.41
C TRP A 763 -36.48 32.88 -30.01
N TYR A 764 -37.18 33.40 -29.00
CA TYR A 764 -36.59 33.45 -27.68
C TYR A 764 -36.45 32.05 -27.09
N LEU A 765 -37.48 31.23 -27.18
CA LEU A 765 -37.34 29.85 -26.72
C LEU A 765 -36.36 29.08 -27.59
N GLY A 766 -36.26 29.39 -28.88
CA GLY A 766 -35.30 28.69 -29.71
C GLY A 766 -33.87 28.95 -29.27
N ILE A 767 -33.54 30.21 -29.02
CA ILE A 767 -32.20 30.53 -28.58
C ILE A 767 -31.97 30.03 -27.16
N TYR A 768 -32.96 30.16 -26.30
CA TYR A 768 -32.83 29.72 -24.91
C TYR A 768 -32.77 28.21 -24.80
N SER A 769 -33.23 27.49 -25.81
CA SER A 769 -33.06 26.05 -25.85
C SER A 769 -31.77 25.65 -26.51
N GLY A 770 -31.33 26.40 -27.51
CA GLY A 770 -30.02 26.15 -28.08
C GLY A 770 -28.91 26.36 -27.06
N LEU A 771 -29.04 27.37 -26.22
CA LEU A 771 -28.04 27.61 -25.19
C LEU A 771 -28.05 26.51 -24.14
N THR A 772 -29.23 26.03 -23.75
CA THR A 772 -29.29 24.93 -22.79
C THR A 772 -28.72 23.64 -23.36
N VAL A 773 -29.01 23.34 -24.63
CA VAL A 773 -28.44 22.15 -25.24
C VAL A 773 -26.94 22.30 -25.41
N ALA A 774 -26.47 23.49 -25.76
CA ALA A 774 -25.05 23.73 -25.87
C ALA A 774 -24.36 23.72 -24.52
N THR A 775 -25.10 23.91 -23.44
CA THR A 775 -24.52 23.70 -22.12
C THR A 775 -24.48 22.23 -21.77
N VAL A 776 -25.56 21.51 -22.01
CA VAL A 776 -25.62 20.10 -21.64
C VAL A 776 -24.59 19.30 -22.43
N LEU A 777 -24.60 19.43 -23.75
CA LEU A 777 -23.69 18.64 -24.56
C LEU A 777 -22.24 19.01 -24.31
N PHE A 778 -21.96 20.29 -24.15
CA PHE A 778 -20.57 20.67 -23.90
C PHE A 778 -20.13 20.27 -22.52
N GLY A 779 -20.99 20.32 -21.51
CA GLY A 779 -20.62 19.81 -20.21
C GLY A 779 -20.35 18.32 -20.23
N ILE A 780 -21.20 17.56 -20.92
CA ILE A 780 -20.98 16.12 -21.02
C ILE A 780 -19.68 15.84 -21.77
N ALA A 781 -19.48 16.51 -22.90
CA ALA A 781 -18.30 16.26 -23.71
C ALA A 781 -17.04 16.63 -22.94
N ARG A 782 -17.08 17.74 -22.21
CA ARG A 782 -15.94 18.15 -21.41
C ARG A 782 -15.64 17.16 -20.30
N SER A 783 -16.67 16.74 -19.57
CA SER A 783 -16.45 15.85 -18.44
C SER A 783 -16.04 14.45 -18.89
N LEU A 784 -16.37 14.05 -20.11
CA LEU A 784 -15.87 12.78 -20.61
C LEU A 784 -14.48 12.92 -21.24
N LEU A 785 -14.20 14.04 -21.90
CA LEU A 785 -12.90 14.19 -22.55
C LEU A 785 -11.80 14.41 -21.52
N VAL A 786 -12.07 15.16 -20.46
CA VAL A 786 -11.06 15.34 -19.43
C VAL A 786 -10.71 14.01 -18.80
N PHE A 787 -11.71 13.21 -18.46
CA PHE A 787 -11.46 11.92 -17.85
C PHE A 787 -10.76 10.99 -18.82
N TYR A 788 -11.16 10.99 -20.09
CA TYR A 788 -10.50 10.11 -21.06
C TYR A 788 -9.05 10.49 -21.24
N VAL A 789 -8.74 11.77 -21.31
CA VAL A 789 -7.35 12.19 -21.46
C VAL A 789 -6.55 11.86 -20.22
N LEU A 790 -7.06 12.19 -19.04
CA LEU A 790 -6.29 12.01 -17.82
C LEU A 790 -6.25 10.57 -17.33
N VAL A 791 -7.06 9.68 -17.89
CA VAL A 791 -6.93 8.27 -17.60
C VAL A 791 -6.04 7.70 -18.69
N ASN A 792 -6.04 8.36 -19.84
CA ASN A 792 -5.17 7.92 -20.92
C ASN A 792 -3.72 8.32 -20.68
N SER A 793 -3.45 9.11 -19.65
CA SER A 793 -2.07 9.39 -19.29
C SER A 793 -1.60 8.49 -18.16
N SER A 794 -2.52 8.06 -17.30
CA SER A 794 -2.21 7.08 -16.28
C SER A 794 -2.22 5.66 -16.83
N GLN A 795 -2.66 5.47 -18.07
CA GLN A 795 -2.42 4.25 -18.79
C GLN A 795 -1.13 4.30 -19.60
N THR A 796 -0.58 5.49 -19.80
CA THR A 796 0.71 5.67 -20.45
C THR A 796 1.84 5.87 -19.45
N LEU A 797 1.61 6.61 -18.37
CA LEU A 797 2.63 6.72 -17.34
C LEU A 797 2.93 5.38 -16.70
N HIS A 798 1.90 4.56 -16.44
CA HIS A 798 2.15 3.24 -15.89
C HIS A 798 2.83 2.34 -16.90
N ASN A 799 2.37 2.35 -18.15
CA ASN A 799 3.00 1.53 -19.17
C ASN A 799 4.40 2.01 -19.52
N LYS A 800 4.79 3.18 -19.07
CA LYS A 800 6.10 3.73 -19.34
C LYS A 800 7.02 3.67 -18.13
N MET A 801 6.47 3.49 -16.94
CA MET A 801 7.22 3.30 -15.71
C MET A 801 7.43 1.83 -15.37
N PHE A 802 6.43 1.00 -15.65
CA PHE A 802 6.57 -0.43 -15.46
C PHE A 802 7.67 -1.00 -16.36
N GLU A 803 7.70 -0.57 -17.61
CA GLU A 803 8.72 -1.10 -18.51
C GLU A 803 10.10 -0.62 -18.16
N SER A 804 10.23 0.40 -17.31
CA SER A 804 11.54 0.85 -16.87
C SER A 804 12.00 0.13 -15.61
N ILE A 805 11.08 -0.08 -14.67
CA ILE A 805 11.44 -0.91 -13.51
C ILE A 805 11.64 -2.37 -13.89
N LEU A 806 11.01 -2.85 -14.97
CA LEU A 806 11.41 -4.16 -15.49
C LEU A 806 12.83 -4.17 -16.04
N LYS A 807 13.42 -3.00 -16.30
CA LYS A 807 14.78 -2.92 -16.82
C LYS A 807 15.69 -2.14 -15.89
N ALA A 808 15.30 -1.92 -14.67
CA ALA A 808 16.15 -1.20 -13.74
C ALA A 808 17.22 -2.15 -13.19
N PRO A 809 18.49 -1.83 -13.29
CA PRO A 809 19.53 -2.73 -12.77
C PRO A 809 19.32 -2.99 -11.28
N VAL A 810 19.58 -4.24 -10.87
CA VAL A 810 19.15 -4.72 -9.56
C VAL A 810 19.69 -3.86 -8.43
N LEU A 811 20.75 -3.08 -8.70
CA LEU A 811 21.21 -2.10 -7.73
C LEU A 811 20.06 -1.20 -7.28
N PHE A 812 19.17 -0.87 -8.22
CA PHE A 812 18.01 -0.06 -7.89
C PHE A 812 17.15 -0.75 -6.83
N PHE A 813 16.91 -2.04 -6.99
CA PHE A 813 16.09 -2.77 -6.04
C PHE A 813 16.82 -3.05 -4.74
N ASP A 814 18.15 -3.09 -4.77
CA ASP A 814 18.90 -3.15 -3.52
C ASP A 814 18.72 -1.88 -2.71
N ARG A 815 18.94 -0.73 -3.34
CA ARG A 815 18.81 0.53 -2.64
C ARG A 815 17.38 0.75 -2.17
N ASN A 816 16.46 0.89 -3.10
CA ASN A 816 15.08 1.14 -2.75
C ASN A 816 14.38 -0.16 -2.35
N PRO A 817 13.74 -0.19 -1.20
CA PRO A 817 13.09 -1.43 -0.73
C PRO A 817 11.95 -1.88 -1.62
N ILE A 818 11.36 -3.04 -1.30
CA ILE A 818 10.18 -3.50 -2.01
C ILE A 818 9.02 -2.54 -1.81
N GLY A 819 8.87 -2.05 -0.59
CA GLY A 819 7.74 -1.17 -0.29
C GLY A 819 7.79 0.13 -1.08
N ARG A 820 8.96 0.72 -1.21
CA ARG A 820 9.07 2.02 -1.86
C ARG A 820 8.96 1.94 -3.37
N ILE A 821 8.95 0.75 -3.95
CA ILE A 821 8.68 0.58 -5.37
C ILE A 821 7.25 0.12 -5.60
N LEU A 822 6.72 -0.71 -4.71
CA LEU A 822 5.32 -1.10 -4.81
C LEU A 822 4.39 0.03 -4.47
N ASN A 823 4.81 0.98 -3.65
CA ASN A 823 3.96 2.12 -3.34
C ASN A 823 3.68 2.92 -4.59
N ARG A 824 4.71 3.22 -5.37
CA ARG A 824 4.48 4.03 -6.55
C ARG A 824 3.81 3.28 -7.67
N PHE A 825 3.52 1.99 -7.47
CA PHE A 825 2.69 1.20 -8.38
C PHE A 825 1.31 0.92 -7.84
N SER A 826 1.07 1.15 -6.55
CA SER A 826 -0.26 1.01 -6.00
C SER A 826 -0.88 2.36 -5.64
N LYS A 827 -0.26 3.10 -4.74
CA LYS A 827 -0.79 4.38 -4.29
C LYS A 827 -0.74 5.42 -5.40
N ASP A 828 0.42 5.59 -6.02
CA ASP A 828 0.59 6.68 -6.98
C ASP A 828 -0.17 6.38 -8.28
N ILE A 829 -0.12 5.14 -8.75
CA ILE A 829 -0.89 4.83 -9.94
C ILE A 829 -2.39 4.83 -9.64
N GLY A 830 -2.80 4.52 -8.42
CA GLY A 830 -4.20 4.69 -8.09
C GLY A 830 -4.62 6.15 -8.12
N HIS A 831 -3.77 7.03 -7.60
CA HIS A 831 -4.06 8.46 -7.69
C HIS A 831 -4.16 8.91 -9.14
N LEU A 832 -3.22 8.48 -9.97
CA LEU A 832 -3.27 8.86 -11.38
C LEU A 832 -4.45 8.24 -12.10
N ASP A 833 -4.98 7.13 -11.60
CA ASP A 833 -6.05 6.40 -12.27
C ASP A 833 -7.43 6.96 -11.95
N ASP A 834 -7.80 7.01 -10.67
CA ASP A 834 -9.16 7.43 -10.33
C ASP A 834 -9.20 8.36 -9.14
N LEU A 835 -8.17 9.18 -8.97
CA LEU A 835 -8.35 10.33 -8.12
C LEU A 835 -7.78 11.62 -8.72
N LEU A 836 -6.77 11.55 -9.57
CA LEU A 836 -6.26 12.75 -10.20
C LEU A 836 -7.14 13.18 -11.36
N PRO A 837 -7.62 12.29 -12.22
CA PRO A 837 -8.59 12.75 -13.23
C PRO A 837 -9.80 13.40 -12.61
N LEU A 838 -10.33 12.84 -11.53
CA LEU A 838 -11.53 13.40 -10.93
C LEU A 838 -11.23 14.74 -10.26
N THR A 839 -10.17 14.79 -9.45
CA THR A 839 -9.80 16.05 -8.83
C THR A 839 -9.49 17.10 -9.86
N PHE A 840 -8.94 16.69 -11.00
CA PHE A 840 -8.46 17.69 -11.94
C PHE A 840 -9.62 18.21 -12.77
N LEU A 841 -10.57 17.34 -13.14
CA LEU A 841 -11.79 17.81 -13.79
C LEU A 841 -12.64 18.65 -12.85
N ASP A 842 -12.73 18.25 -11.59
CA ASP A 842 -13.42 19.06 -10.58
C ASP A 842 -12.79 20.45 -10.50
N PHE A 843 -11.47 20.52 -10.39
CA PHE A 843 -10.80 21.81 -10.28
C PHE A 843 -11.00 22.64 -11.54
N ILE A 844 -10.87 22.02 -12.70
CA ILE A 844 -11.05 22.78 -13.94
C ILE A 844 -12.46 23.34 -14.00
N GLN A 845 -13.45 22.51 -13.68
CA GLN A 845 -14.84 22.91 -13.82
C GLN A 845 -15.19 24.04 -12.86
N THR A 846 -14.77 23.92 -11.59
CA THR A 846 -15.09 24.99 -10.65
C THR A 846 -14.25 26.22 -10.88
N LEU A 847 -13.01 26.09 -11.36
CA LEU A 847 -12.25 27.26 -11.73
C LEU A 847 -12.92 27.99 -12.89
N LEU A 848 -13.43 27.25 -13.86
CA LEU A 848 -14.13 27.89 -14.96
C LEU A 848 -15.43 28.53 -14.49
N GLN A 849 -16.11 27.95 -13.51
CA GLN A 849 -17.30 28.61 -13.00
C GLN A 849 -16.95 29.86 -12.22
N VAL A 850 -15.81 29.88 -11.52
CA VAL A 850 -15.35 31.11 -10.88
C VAL A 850 -15.01 32.15 -11.94
N VAL A 851 -14.37 31.73 -13.03
CA VAL A 851 -14.11 32.65 -14.14
C VAL A 851 -15.42 33.17 -14.71
N GLY A 852 -16.42 32.31 -14.84
CA GLY A 852 -17.71 32.76 -15.34
C GLY A 852 -18.36 33.77 -14.43
N VAL A 853 -18.28 33.54 -13.11
CA VAL A 853 -18.87 34.47 -12.16
C VAL A 853 -18.17 35.82 -12.21
N VAL A 854 -16.84 35.80 -12.19
CA VAL A 854 -16.09 37.05 -12.23
C VAL A 854 -16.30 37.77 -13.56
N SER A 855 -16.36 37.02 -14.66
CA SER A 855 -16.61 37.63 -15.96
C SER A 855 -17.98 38.27 -16.01
N VAL A 856 -19.00 37.60 -15.49
CA VAL A 856 -20.33 38.19 -15.47
C VAL A 856 -20.33 39.47 -14.65
N ALA A 857 -19.75 39.43 -13.46
CA ALA A 857 -19.74 40.62 -12.63
C ALA A 857 -19.01 41.76 -13.32
N VAL A 858 -17.89 41.47 -13.97
CA VAL A 858 -17.09 42.52 -14.60
C VAL A 858 -17.82 43.09 -15.82
N ALA A 859 -18.37 42.22 -16.66
CA ALA A 859 -19.07 42.70 -17.84
C ALA A 859 -20.36 43.43 -17.48
N VAL A 860 -20.89 43.19 -16.28
CA VAL A 860 -22.11 43.87 -15.87
C VAL A 860 -21.80 45.14 -15.08
N ILE A 861 -20.83 45.07 -14.17
CA ILE A 861 -20.51 46.21 -13.31
C ILE A 861 -19.03 46.51 -13.50
N PRO A 862 -18.62 47.14 -14.61
CA PRO A 862 -17.18 47.21 -14.92
C PRO A 862 -16.36 47.90 -13.85
N TRP A 863 -16.97 48.78 -13.06
CA TRP A 863 -16.24 49.40 -11.96
C TRP A 863 -15.69 48.36 -11.00
N ILE A 864 -16.31 47.17 -10.94
CA ILE A 864 -15.84 46.13 -10.05
C ILE A 864 -14.41 45.71 -10.37
N ALA A 865 -13.93 45.97 -11.58
CA ALA A 865 -12.56 45.63 -11.89
C ALA A 865 -11.57 46.43 -11.04
N ILE A 866 -12.00 47.53 -10.43
CA ILE A 866 -11.13 48.35 -9.61
C ILE A 866 -10.96 47.73 -8.23
N PRO A 867 -12.02 47.34 -7.51
CA PRO A 867 -11.82 46.64 -6.24
C PRO A 867 -11.48 45.18 -6.39
N LEU A 868 -11.60 44.62 -7.59
CA LEU A 868 -11.18 43.25 -7.80
C LEU A 868 -9.67 43.12 -7.92
N VAL A 869 -8.94 44.23 -8.03
CA VAL A 869 -7.48 44.21 -8.08
C VAL A 869 -6.90 43.97 -6.69
N PRO A 870 -7.32 44.69 -5.65
CA PRO A 870 -6.83 44.33 -4.32
C PRO A 870 -7.44 43.03 -3.81
N LEU A 871 -8.71 42.79 -4.10
CA LEU A 871 -9.36 41.57 -3.64
C LEU A 871 -8.72 40.32 -4.23
N GLY A 872 -8.02 40.44 -5.35
CA GLY A 872 -7.25 39.32 -5.83
C GLY A 872 -5.89 39.29 -5.18
N ILE A 873 -5.31 40.48 -4.98
CA ILE A 873 -3.98 40.55 -4.38
C ILE A 873 -3.98 39.92 -2.99
N ILE A 874 -5.01 40.22 -2.19
CA ILE A 874 -5.13 39.57 -0.90
C ILE A 874 -5.12 38.06 -1.07
N PHE A 875 -5.90 37.57 -2.04
CA PHE A 875 -5.90 36.14 -2.32
C PHE A 875 -4.53 35.66 -2.74
N ILE A 876 -3.81 36.47 -3.53
CA ILE A 876 -2.44 36.12 -3.88
C ILE A 876 -1.57 36.04 -2.65
N PHE A 877 -1.79 36.91 -1.67
CA PHE A 877 -1.05 36.81 -0.42
C PHE A 877 -1.66 35.80 0.54
N LEU A 878 -2.81 35.22 0.20
CA LEU A 878 -3.37 34.13 0.99
C LEU A 878 -3.03 32.77 0.43
N ARG A 879 -2.95 32.62 -0.88
CA ARG A 879 -2.50 31.35 -1.42
C ARG A 879 -1.03 31.12 -1.09
N ARG A 880 -0.21 32.16 -1.13
CA ARG A 880 1.19 32.02 -0.76
C ARG A 880 1.31 31.67 0.72
N TYR A 881 0.81 32.54 1.59
CA TYR A 881 1.02 32.40 3.03
C TYR A 881 0.41 31.14 3.58
N PHE A 882 -0.53 30.53 2.87
CA PHE A 882 -1.09 29.25 3.30
C PHE A 882 -0.38 28.07 2.67
N LEU A 883 0.20 28.25 1.49
CA LEU A 883 1.01 27.20 0.90
C LEU A 883 2.42 27.16 1.44
N GLU A 884 2.83 28.16 2.24
CA GLU A 884 4.08 28.02 2.95
C GLU A 884 3.95 27.04 4.10
N THR A 885 2.73 26.78 4.56
CA THR A 885 2.47 25.79 5.61
C THR A 885 1.83 24.53 5.06
N SER A 886 0.81 24.65 4.24
CA SER A 886 0.10 23.47 3.79
C SER A 886 0.86 22.70 2.74
N ARG A 887 2.00 23.19 2.29
CA ARG A 887 2.91 22.34 1.55
C ARG A 887 3.73 21.47 2.50
N ASP A 888 3.75 21.84 3.78
CA ASP A 888 4.48 21.10 4.80
C ASP A 888 3.57 20.16 5.58
N VAL A 889 2.38 20.63 5.95
CA VAL A 889 1.45 19.78 6.67
C VAL A 889 1.02 18.61 5.80
N LYS A 890 0.74 18.87 4.53
CA LYS A 890 0.45 17.76 3.64
C LYS A 890 1.65 16.84 3.51
N ARG A 891 2.85 17.39 3.56
CA ARG A 891 4.06 16.57 3.56
C ARG A 891 4.14 15.72 4.83
N LEU A 892 3.89 16.33 5.98
CA LEU A 892 3.91 15.57 7.23
C LEU A 892 2.91 14.44 7.19
N GLU A 893 1.70 14.71 6.70
CA GLU A 893 0.70 13.66 6.61
C GLU A 893 1.13 12.54 5.69
N SER A 894 1.59 12.88 4.48
CA SER A 894 1.97 11.84 3.54
C SER A 894 3.19 11.06 3.99
N THR A 895 4.06 11.63 4.82
CA THR A 895 5.23 10.91 5.28
C THR A 895 5.05 10.20 6.61
N THR A 896 4.07 10.59 7.42
CA THR A 896 3.78 9.85 8.64
C THR A 896 2.62 8.89 8.46
N ARG A 897 2.04 8.84 7.26
CA ARG A 897 1.11 7.77 6.93
C ARG A 897 1.84 6.46 6.69
N SER A 898 3.10 6.50 6.27
CA SER A 898 3.84 5.28 5.98
C SER A 898 4.35 4.56 7.23
N PRO A 899 4.70 5.26 8.32
CA PRO A 899 4.98 4.50 9.55
C PRO A 899 3.84 3.63 10.02
N VAL A 900 2.60 4.04 9.84
CA VAL A 900 1.48 3.22 10.29
C VAL A 900 1.43 1.91 9.53
N PHE A 901 1.49 1.99 8.19
CA PHE A 901 1.43 0.77 7.40
C PHE A 901 2.70 -0.05 7.56
N SER A 902 3.84 0.60 7.66
CA SER A 902 5.09 -0.11 7.86
C SER A 902 5.10 -0.86 9.17
N HIS A 903 4.60 -0.24 10.23
CA HIS A 903 4.54 -0.93 11.52
C HIS A 903 3.52 -2.04 11.48
N LEU A 904 2.41 -1.86 10.76
CA LEU A 904 1.48 -2.97 10.58
C LEU A 904 2.18 -4.16 9.91
N SER A 905 2.85 -3.91 8.79
CA SER A 905 3.50 -5.00 8.08
C SER A 905 4.57 -5.66 8.95
N SER A 906 5.38 -4.86 9.63
CA SER A 906 6.46 -5.41 10.44
C SER A 906 5.92 -6.20 11.62
N SER A 907 4.95 -5.64 12.35
CA SER A 907 4.32 -6.34 13.44
C SER A 907 3.50 -7.52 12.98
N LEU A 908 3.22 -7.64 11.69
CA LEU A 908 2.46 -8.77 11.20
C LEU A 908 3.33 -9.88 10.66
N GLN A 909 4.53 -9.57 10.18
CA GLN A 909 5.49 -10.62 9.87
C GLN A 909 5.95 -11.33 11.15
N GLY A 910 6.27 -10.57 12.18
CA GLY A 910 6.70 -11.16 13.43
C GLY A 910 5.57 -11.32 14.40
N LEU A 911 4.40 -11.71 13.90
CA LEU A 911 3.23 -11.81 14.75
C LEU A 911 3.39 -12.87 15.82
N TRP A 912 3.89 -14.05 15.44
CA TRP A 912 4.04 -15.13 16.40
C TRP A 912 5.02 -14.74 17.49
N THR A 913 6.10 -14.04 17.12
CA THR A 913 7.05 -13.57 18.12
C THR A 913 6.41 -12.54 19.04
N ILE A 914 5.56 -11.67 18.50
CA ILE A 914 4.95 -10.64 19.32
C ILE A 914 3.98 -11.25 20.32
N ARG A 915 3.20 -12.23 19.90
CA ARG A 915 2.34 -12.93 20.86
C ARG A 915 3.11 -13.88 21.76
N ALA A 916 4.31 -14.28 21.38
CA ALA A 916 5.15 -15.13 22.22
C ALA A 916 5.39 -14.41 23.54
N TYR A 917 6.07 -13.28 23.47
CA TYR A 917 6.03 -12.32 24.55
C TYR A 917 4.60 -11.88 24.78
N LYS A 918 4.30 -11.44 25.99
CA LYS A 918 2.97 -10.90 26.24
C LYS A 918 2.98 -9.43 25.84
N ALA A 919 3.41 -9.19 24.60
CA ALA A 919 3.65 -7.86 24.08
C ALA A 919 2.60 -7.49 23.04
N GLU A 920 1.35 -7.89 23.27
CA GLU A 920 0.27 -7.39 22.44
C GLU A 920 -0.06 -5.94 22.79
N GLU A 921 -0.08 -5.63 24.09
CA GLU A 921 -0.44 -4.29 24.52
C GLU A 921 0.65 -3.28 24.15
N ARG A 922 1.92 -3.67 24.25
CA ARG A 922 2.98 -2.74 23.88
C ARG A 922 2.93 -2.40 22.40
N CYS A 923 2.74 -3.40 21.53
CA CYS A 923 2.55 -3.10 20.13
C CYS A 923 1.27 -2.31 19.87
N GLN A 924 0.24 -2.51 20.68
CA GLN A 924 -0.93 -1.66 20.58
C GLN A 924 -0.58 -0.21 20.86
N GLU A 925 0.21 0.03 21.91
CA GLU A 925 0.63 1.39 22.23
C GLU A 925 1.46 1.98 21.11
N LEU A 926 2.38 1.21 20.55
CA LEU A 926 3.21 1.72 19.46
C LEU A 926 2.38 2.04 18.23
N PHE A 927 1.41 1.19 17.89
CA PHE A 927 0.59 1.48 16.71
C PHE A 927 -0.37 2.64 16.97
N ASP A 928 -0.87 2.76 18.19
CA ASP A 928 -1.70 3.93 18.50
C ASP A 928 -0.87 5.20 18.55
N ALA A 929 0.43 5.10 18.84
CA ALA A 929 1.28 6.27 18.74
C ALA A 929 1.54 6.64 17.28
N HIS A 930 1.74 5.65 16.43
CA HIS A 930 1.87 5.93 15.00
C HIS A 930 0.60 6.55 14.46
N GLN A 931 -0.55 5.99 14.83
CA GLN A 931 -1.83 6.52 14.40
C GLN A 931 -2.11 7.88 15.01
N ASP A 932 -1.65 8.12 16.23
CA ASP A 932 -1.76 9.44 16.83
C ASP A 932 -0.93 10.45 16.07
N LEU A 933 0.28 10.08 15.66
CA LEU A 933 1.10 11.01 14.89
C LEU A 933 0.44 11.34 13.56
N HIS A 934 -0.07 10.32 12.87
CA HIS A 934 -0.75 10.63 11.63
C HIS A 934 -2.06 11.36 11.86
N SER A 935 -2.68 11.19 13.03
CA SER A 935 -3.87 11.96 13.34
C SER A 935 -3.53 13.42 13.62
N GLU A 936 -2.36 13.70 14.21
CA GLU A 936 -1.90 15.07 14.32
C GLU A 936 -1.68 15.67 12.94
N ALA A 937 -1.04 14.91 12.07
CA ALA A 937 -0.80 15.41 10.72
C ALA A 937 -2.10 15.66 9.99
N TRP A 938 -3.05 14.73 10.10
CA TRP A 938 -4.33 14.89 9.44
C TRP A 938 -5.14 16.02 10.07
N PHE A 939 -5.02 16.21 11.37
CA PHE A 939 -5.73 17.29 12.04
C PHE A 939 -5.24 18.62 11.56
N LEU A 940 -3.93 18.78 11.42
CA LEU A 940 -3.42 20.03 10.86
C LEU A 940 -3.78 20.15 9.39
N PHE A 941 -3.84 19.05 8.64
CA PHE A 941 -4.27 19.15 7.26
C PHE A 941 -5.71 19.66 7.16
N LEU A 942 -6.61 19.06 7.94
CA LEU A 942 -8.00 19.48 7.92
C LEU A 942 -8.14 20.93 8.38
N THR A 943 -7.50 21.28 9.49
CA THR A 943 -7.70 22.61 10.03
C THR A 943 -7.01 23.67 9.20
N THR A 944 -5.86 23.38 8.59
CA THR A 944 -5.28 24.37 7.70
C THR A 944 -6.12 24.53 6.44
N SER A 945 -6.69 23.45 5.93
CA SER A 945 -7.56 23.58 4.78
C SER A 945 -8.81 24.38 5.12
N ARG A 946 -9.36 24.19 6.33
CA ARG A 946 -10.57 24.90 6.73
C ARG A 946 -10.30 26.24 7.41
N TRP A 947 -9.04 26.61 7.58
CA TRP A 947 -8.61 27.98 7.79
C TRP A 947 -8.49 28.70 6.46
N PHE A 948 -7.80 28.07 5.51
CA PHE A 948 -7.73 28.56 4.16
C PHE A 948 -9.11 28.84 3.60
N ALA A 949 -10.03 27.88 3.76
CA ALA A 949 -11.34 28.01 3.16
C ALA A 949 -12.13 29.14 3.80
N VAL A 950 -12.03 29.30 5.12
CA VAL A 950 -12.78 30.37 5.77
C VAL A 950 -12.27 31.73 5.31
N ARG A 951 -10.95 31.89 5.20
CA ARG A 951 -10.47 33.18 4.69
C ARG A 951 -10.81 33.38 3.22
N LEU A 952 -10.78 32.32 2.42
CA LEU A 952 -11.19 32.42 1.02
C LEU A 952 -12.65 32.85 0.91
N ASP A 953 -13.52 32.25 1.72
CA ASP A 953 -14.92 32.64 1.70
C ASP A 953 -15.13 34.03 2.26
N ALA A 954 -14.25 34.52 3.13
CA ALA A 954 -14.31 35.92 3.52
C ALA A 954 -14.01 36.82 2.33
N ILE A 955 -12.98 36.48 1.55
CA ILE A 955 -12.69 37.24 0.33
C ILE A 955 -13.87 37.17 -0.62
N CYS A 956 -14.45 35.99 -0.78
CA CYS A 956 -15.55 35.80 -1.70
C CYS A 956 -16.80 36.54 -1.25
N ALA A 957 -17.05 36.62 0.05
CA ALA A 957 -18.14 37.44 0.55
C ALA A 957 -17.86 38.92 0.37
N MET A 958 -16.58 39.33 0.41
CA MET A 958 -16.26 40.70 0.04
C MET A 958 -16.62 40.97 -1.41
N PHE A 959 -16.34 40.01 -2.29
CA PHE A 959 -16.76 40.12 -3.67
C PHE A 959 -18.28 40.22 -3.79
N VAL A 960 -19.00 39.38 -3.04
CA VAL A 960 -20.46 39.41 -3.08
C VAL A 960 -20.97 40.75 -2.57
N ILE A 961 -20.33 41.29 -1.53
CA ILE A 961 -20.70 42.59 -0.99
C ILE A 961 -20.54 43.66 -2.05
N ILE A 962 -19.41 43.63 -2.76
CA ILE A 962 -19.17 44.63 -3.79
C ILE A 962 -20.22 44.54 -4.89
N VAL A 963 -20.54 43.32 -5.34
CA VAL A 963 -21.51 43.20 -6.42
C VAL A 963 -22.90 43.65 -5.95
N ALA A 964 -23.30 43.24 -4.75
CA ALA A 964 -24.64 43.54 -4.27
C ALA A 964 -24.80 45.00 -3.84
N PHE A 965 -23.71 45.69 -3.55
CA PHE A 965 -23.77 47.11 -3.19
C PHE A 965 -23.21 48.01 -4.27
N GLY A 966 -22.35 47.50 -5.13
CA GLY A 966 -21.86 48.27 -6.26
C GLY A 966 -22.88 48.23 -7.37
N SER A 967 -24.00 47.58 -7.13
CA SER A 967 -25.17 47.68 -8.00
C SER A 967 -26.23 48.62 -7.44
N LEU A 968 -26.16 48.97 -6.16
CA LEU A 968 -27.09 49.92 -5.57
C LEU A 968 -26.57 51.35 -5.62
N ILE A 969 -25.28 51.54 -5.32
CA ILE A 969 -24.69 52.87 -5.52
C ILE A 969 -24.66 53.23 -6.99
N LEU A 970 -24.47 52.24 -7.85
CA LEU A 970 -24.53 52.44 -9.30
C LEU A 970 -25.84 51.92 -9.87
N ALA A 971 -26.94 52.12 -9.13
CA ALA A 971 -28.23 51.64 -9.59
C ALA A 971 -28.64 52.29 -10.89
N LYS A 972 -28.46 53.61 -10.99
CA LYS A 972 -28.93 54.37 -12.14
C LYS A 972 -28.23 54.00 -13.44
N THR A 973 -27.36 53.00 -13.42
CA THR A 973 -26.64 52.58 -14.61
C THR A 973 -26.95 51.15 -15.04
N LEU A 974 -27.66 50.37 -14.23
CA LEU A 974 -27.82 48.95 -14.45
C LEU A 974 -29.27 48.60 -14.77
N ASP A 975 -29.45 47.62 -15.64
CA ASP A 975 -30.76 47.06 -15.91
C ASP A 975 -31.21 46.21 -14.73
N ALA A 976 -32.45 45.74 -14.80
CA ALA A 976 -32.95 44.82 -13.80
C ALA A 976 -32.67 43.37 -14.14
N GLY A 977 -32.27 43.07 -15.38
CA GLY A 977 -31.89 41.73 -15.71
C GLY A 977 -30.40 41.55 -15.55
N GLN A 978 -29.68 42.67 -15.51
CA GLN A 978 -28.24 42.62 -15.35
C GLN A 978 -27.83 42.54 -13.89
N VAL A 979 -28.53 43.26 -13.00
CA VAL A 979 -28.29 43.08 -11.58
C VAL A 979 -28.65 41.66 -11.17
N GLY A 980 -29.74 41.13 -11.70
CA GLY A 980 -30.12 39.76 -11.38
C GLY A 980 -29.06 38.76 -11.80
N LEU A 981 -28.55 38.90 -13.02
CA LEU A 981 -27.50 38.01 -13.49
C LEU A 981 -26.24 38.14 -12.63
N ALA A 982 -25.77 39.37 -12.45
CA ALA A 982 -24.54 39.59 -11.71
C ALA A 982 -24.65 39.07 -10.29
N LEU A 983 -25.76 39.36 -9.63
CA LEU A 983 -25.88 38.99 -8.23
C LEU A 983 -26.15 37.51 -8.05
N SER A 984 -26.92 36.88 -8.94
CA SER A 984 -27.11 35.45 -8.85
C SER A 984 -25.85 34.68 -9.23
N TYR A 985 -24.87 35.33 -9.85
CA TYR A 985 -23.58 34.68 -10.03
C TYR A 985 -22.62 34.96 -8.86
N ALA A 986 -22.64 36.19 -8.34
CA ALA A 986 -21.82 36.47 -7.17
C ALA A 986 -22.24 35.58 -6.00
N LEU A 987 -23.55 35.38 -5.82
CA LEU A 987 -24.01 34.53 -4.74
C LEU A 987 -23.58 33.09 -4.92
N THR A 988 -23.42 32.63 -6.16
CA THR A 988 -22.94 31.27 -6.35
C THR A 988 -21.42 31.19 -6.32
N LEU A 989 -20.72 32.31 -6.29
CA LEU A 989 -19.27 32.23 -6.10
C LEU A 989 -18.94 31.62 -4.76
N MET A 990 -19.69 31.96 -3.71
CA MET A 990 -19.39 31.46 -2.37
C MET A 990 -19.44 29.95 -2.33
N GLY A 991 -18.52 29.35 -1.58
CA GLY A 991 -18.51 27.92 -1.41
C GLY A 991 -17.90 27.21 -2.59
N MET A 992 -17.97 27.85 -3.75
CA MET A 992 -17.35 27.35 -4.97
C MET A 992 -15.95 27.92 -5.15
N PHE A 993 -15.70 29.12 -4.67
CA PHE A 993 -14.37 29.70 -4.77
C PHE A 993 -13.34 28.86 -4.03
N GLN A 994 -13.61 28.58 -2.76
CA GLN A 994 -12.66 27.82 -1.97
C GLN A 994 -12.46 26.43 -2.54
N TRP A 995 -13.42 25.92 -3.29
CA TRP A 995 -13.25 24.60 -3.88
C TRP A 995 -12.59 24.64 -5.25
N CYS A 996 -12.34 25.81 -5.81
CA CYS A 996 -11.43 25.87 -6.94
C CYS A 996 -10.08 26.39 -6.54
N VAL A 997 -9.93 26.88 -5.31
CA VAL A 997 -8.64 27.25 -4.79
C VAL A 997 -8.04 26.19 -3.89
N ARG A 998 -8.86 25.41 -3.19
CA ARG A 998 -8.35 24.32 -2.38
C ARG A 998 -8.16 23.04 -3.17
N GLN A 999 -8.62 22.98 -4.42
CA GLN A 999 -8.25 21.87 -5.28
C GLN A 999 -6.99 22.14 -6.06
N SER A 1000 -6.72 23.39 -6.43
CA SER A 1000 -5.43 23.71 -7.03
C SER A 1000 -4.30 23.30 -6.10
N ALA A 1001 -4.42 23.65 -4.82
CA ALA A 1001 -3.45 23.24 -3.82
C ALA A 1001 -3.50 21.75 -3.54
N GLU A 1002 -4.49 21.03 -4.07
CA GLU A 1002 -4.53 19.58 -4.00
C GLU A 1002 -4.25 18.92 -5.34
N VAL A 1003 -4.54 19.59 -6.44
CA VAL A 1003 -4.05 19.13 -7.73
C VAL A 1003 -2.54 19.13 -7.74
N GLU A 1004 -1.92 20.21 -7.26
CA GLU A 1004 -0.47 20.26 -7.26
C GLU A 1004 0.14 19.50 -6.11
N ASN A 1005 -0.68 18.80 -5.33
CA ASN A 1005 -0.17 17.87 -4.33
C ASN A 1005 -0.37 16.41 -4.71
N MET A 1006 -1.39 16.10 -5.47
CA MET A 1006 -1.43 14.78 -6.08
C MET A 1006 -0.67 14.74 -7.39
N MET A 1007 -0.15 15.89 -7.83
CA MET A 1007 0.73 15.95 -8.97
C MET A 1007 2.19 15.77 -8.57
N ILE A 1008 2.49 15.77 -7.26
CA ILE A 1008 3.80 15.36 -6.79
C ILE A 1008 3.85 13.86 -6.59
N SER A 1009 2.73 13.18 -6.80
CA SER A 1009 2.71 11.75 -7.08
C SER A 1009 2.80 11.49 -8.56
N VAL A 1010 2.99 12.54 -9.36
CA VAL A 1010 3.38 12.40 -10.76
C VAL A 1010 4.84 12.71 -10.98
N GLU A 1011 5.51 13.45 -10.10
CA GLU A 1011 6.96 13.39 -10.11
C GLU A 1011 7.41 11.97 -9.81
N ARG A 1012 6.77 11.31 -8.85
CA ARG A 1012 7.16 9.96 -8.46
C ARG A 1012 6.94 8.97 -9.59
N VAL A 1013 5.79 9.03 -10.26
CA VAL A 1013 5.53 8.12 -11.38
C VAL A 1013 6.40 8.42 -12.58
N ILE A 1014 6.86 9.66 -12.75
CA ILE A 1014 7.77 9.99 -13.83
C ILE A 1014 9.18 9.72 -13.34
N GLU A 1015 9.36 9.67 -12.04
CA GLU A 1015 10.69 9.44 -11.49
C GLU A 1015 11.24 8.11 -11.98
N TYR A 1016 10.40 7.07 -12.02
CA TYR A 1016 10.85 5.81 -12.57
C TYR A 1016 10.56 5.60 -14.04
N THR A 1017 10.01 6.55 -14.76
CA THR A 1017 9.92 6.35 -16.20
C THR A 1017 11.17 6.87 -16.91
N ASP A 1018 12.14 7.34 -16.13
CA ASP A 1018 13.41 7.78 -16.66
C ASP A 1018 14.61 7.16 -15.97
N LEU A 1019 14.42 6.16 -15.11
CA LEU A 1019 15.52 5.55 -14.37
C LEU A 1019 16.63 5.10 -15.29
N GLU A 1020 17.83 4.98 -14.74
CA GLU A 1020 18.95 4.47 -15.52
C GLU A 1020 18.66 3.00 -15.82
N LYS A 1021 18.26 2.72 -17.05
CA LYS A 1021 17.90 1.36 -17.42
C LYS A 1021 19.14 0.47 -17.44
N GLU A 1022 18.91 -0.81 -17.23
CA GLU A 1022 19.97 -1.80 -17.27
C GLU A 1022 20.48 -1.92 -18.70
N ALA A 1023 21.58 -2.64 -18.87
CA ALA A 1023 22.18 -2.86 -20.19
C ALA A 1023 21.13 -3.36 -21.17
N PRO A 1024 21.30 -3.13 -22.47
CA PRO A 1024 20.27 -3.54 -23.43
C PRO A 1024 19.94 -5.03 -23.30
N TRP A 1025 18.66 -5.35 -23.28
CA TRP A 1025 18.22 -6.72 -23.04
C TRP A 1025 18.77 -7.68 -24.07
N GLU A 1026 18.79 -7.26 -25.34
CA GLU A 1026 19.26 -8.10 -26.43
C GLU A 1026 19.97 -7.22 -27.45
N TYR A 1027 21.24 -7.53 -27.72
CA TYR A 1027 21.93 -6.91 -28.83
C TYR A 1027 21.52 -7.58 -30.14
N GLN A 1028 21.73 -6.89 -31.25
CA GLN A 1028 21.40 -7.46 -32.54
C GLN A 1028 22.24 -8.68 -32.84
N LYS A 1029 23.53 -8.64 -32.50
CA LYS A 1029 24.44 -9.77 -32.68
C LYS A 1029 24.14 -10.79 -31.59
N ARG A 1030 23.23 -11.70 -31.91
CA ARG A 1030 22.82 -12.69 -30.92
C ARG A 1030 23.79 -13.87 -30.91
N PRO A 1031 23.91 -14.56 -29.78
CA PRO A 1031 24.75 -15.77 -29.73
C PRO A 1031 24.15 -16.87 -30.57
N PRO A 1032 24.93 -17.89 -30.93
CA PRO A 1032 24.40 -19.01 -31.72
C PRO A 1032 23.29 -19.72 -30.98
N PRO A 1033 22.34 -20.32 -31.72
CA PRO A 1033 21.19 -20.96 -31.05
C PRO A 1033 21.57 -22.06 -30.08
N ALA A 1034 22.61 -22.84 -30.36
CA ALA A 1034 23.04 -23.91 -29.47
C ALA A 1034 23.98 -23.42 -28.37
N TRP A 1035 24.46 -22.19 -28.46
CA TRP A 1035 25.39 -21.68 -27.47
C TRP A 1035 24.70 -21.54 -26.11
N PRO A 1036 25.42 -21.77 -25.01
CA PRO A 1036 26.79 -22.28 -24.99
C PRO A 1036 26.82 -23.80 -25.06
N HIS A 1037 27.27 -24.34 -26.19
CA HIS A 1037 27.22 -25.78 -26.39
C HIS A 1037 28.16 -26.50 -25.43
N GLU A 1038 29.26 -25.86 -25.06
CA GLU A 1038 30.24 -26.47 -24.17
C GLU A 1038 30.00 -26.13 -22.71
N GLY A 1039 30.08 -24.84 -22.35
CA GLY A 1039 29.87 -24.45 -20.97
C GLY A 1039 31.14 -24.15 -20.20
N VAL A 1040 32.07 -23.41 -20.78
CA VAL A 1040 33.32 -23.08 -20.11
C VAL A 1040 33.24 -21.64 -19.61
N ILE A 1041 33.56 -21.43 -18.34
CA ILE A 1041 33.43 -20.12 -17.70
C ILE A 1041 34.81 -19.65 -17.27
N ILE A 1042 35.22 -18.48 -17.78
CA ILE A 1042 36.56 -17.96 -17.54
C ILE A 1042 36.45 -16.56 -16.94
N PHE A 1043 37.19 -16.32 -15.87
CA PHE A 1043 37.34 -14.99 -15.29
C PHE A 1043 38.72 -14.44 -15.64
N ASP A 1044 38.76 -13.19 -16.09
CA ASP A 1044 39.99 -12.49 -16.41
C ASP A 1044 39.93 -11.12 -15.74
N ASN A 1045 40.59 -11.01 -14.59
CA ASN A 1045 40.75 -9.76 -13.85
C ASN A 1045 39.40 -9.06 -13.65
N VAL A 1046 38.45 -9.79 -13.07
CA VAL A 1046 37.11 -9.28 -12.89
C VAL A 1046 36.97 -8.72 -11.47
N ASN A 1047 36.53 -7.47 -11.37
CA ASN A 1047 36.27 -6.82 -10.09
C ASN A 1047 34.80 -6.51 -9.98
N PHE A 1048 34.20 -6.88 -8.84
CA PHE A 1048 32.78 -6.66 -8.61
C PHE A 1048 32.60 -5.63 -7.50
N MET A 1049 31.86 -4.58 -7.81
CA MET A 1049 31.39 -3.62 -6.83
C MET A 1049 29.89 -3.48 -6.99
N TYR A 1050 29.17 -3.45 -5.87
CA TYR A 1050 27.71 -3.35 -5.92
C TYR A 1050 27.26 -2.06 -6.60
N SER A 1051 27.86 -0.93 -6.27
CA SER A 1051 27.55 0.36 -6.87
C SER A 1051 28.82 0.96 -7.44
N PRO A 1052 28.70 1.83 -8.45
CA PRO A 1052 29.91 2.45 -9.03
C PRO A 1052 30.68 3.23 -7.98
N GLY A 1053 31.93 2.81 -7.76
CA GLY A 1053 32.74 3.41 -6.73
C GLY A 1053 32.50 2.86 -5.34
N GLY A 1054 31.59 1.92 -5.18
CA GLY A 1054 31.36 1.29 -3.90
C GLY A 1054 32.49 0.34 -3.54
N PRO A 1055 32.47 -0.12 -2.29
CA PRO A 1055 33.56 -0.98 -1.81
C PRO A 1055 33.64 -2.25 -2.64
N LEU A 1056 34.86 -2.60 -3.03
CA LEU A 1056 35.06 -3.80 -3.83
C LEU A 1056 34.70 -5.04 -3.03
N VAL A 1057 33.79 -5.85 -3.57
CA VAL A 1057 33.48 -7.14 -2.96
C VAL A 1057 34.30 -8.25 -3.60
N LEU A 1058 34.59 -8.12 -4.90
CA LEU A 1058 35.49 -9.02 -5.60
C LEU A 1058 36.66 -8.23 -6.16
N LYS A 1059 37.85 -8.84 -6.14
CA LYS A 1059 39.09 -8.14 -6.45
C LYS A 1059 39.95 -9.01 -7.36
N HIS A 1060 40.13 -8.57 -8.60
CA HIS A 1060 41.08 -9.16 -9.56
C HIS A 1060 40.94 -10.68 -9.66
N LEU A 1061 39.81 -11.12 -10.20
CA LEU A 1061 39.57 -12.55 -10.29
C LEU A 1061 39.97 -13.07 -11.67
N THR A 1062 40.78 -14.14 -11.68
CA THR A 1062 41.10 -14.87 -12.89
C THR A 1062 40.98 -16.36 -12.58
N ALA A 1063 40.11 -17.06 -13.31
CA ALA A 1063 39.84 -18.45 -13.01
C ALA A 1063 39.33 -19.14 -14.27
N LEU A 1064 39.31 -20.48 -14.24
CA LEU A 1064 38.83 -21.27 -15.36
C LEU A 1064 38.03 -22.46 -14.85
N ILE A 1065 36.82 -22.61 -15.37
CA ILE A 1065 35.98 -23.77 -15.12
C ILE A 1065 35.68 -24.40 -16.47
N LYS A 1066 36.11 -25.65 -16.65
CA LYS A 1066 35.99 -26.34 -17.93
C LYS A 1066 34.58 -26.87 -18.11
N SER A 1067 34.36 -27.48 -19.29
CA SER A 1067 33.05 -28.00 -19.62
C SER A 1067 32.64 -29.11 -18.66
N GLN A 1068 31.41 -29.02 -18.16
CA GLN A 1068 30.78 -29.99 -17.27
C GLN A 1068 31.52 -30.16 -15.94
N GLU A 1069 32.42 -29.24 -15.60
CA GLU A 1069 33.16 -29.35 -14.36
C GLU A 1069 32.35 -28.81 -13.18
N LYS A 1070 32.27 -29.61 -12.12
CA LYS A 1070 31.55 -29.23 -10.91
C LYS A 1070 32.52 -28.57 -9.95
N VAL A 1071 32.33 -27.29 -9.68
CA VAL A 1071 33.16 -26.57 -8.72
C VAL A 1071 32.25 -25.99 -7.65
N GLY A 1072 32.61 -26.23 -6.39
CA GLY A 1072 31.96 -25.56 -5.29
C GLY A 1072 32.60 -24.20 -5.04
N ILE A 1073 31.93 -23.38 -4.25
CA ILE A 1073 32.43 -22.07 -3.84
C ILE A 1073 32.15 -21.91 -2.36
N VAL A 1074 33.21 -21.79 -1.56
CA VAL A 1074 33.03 -21.74 -0.11
C VAL A 1074 33.92 -20.67 0.52
N GLY A 1075 33.50 -20.26 1.71
CA GLY A 1075 34.14 -19.26 2.52
C GLY A 1075 33.32 -18.96 3.74
N ARG A 1076 33.77 -17.99 4.52
CA ARG A 1076 32.94 -17.53 5.62
C ARG A 1076 31.80 -16.68 5.09
N THR A 1077 30.85 -16.39 5.99
CA THR A 1077 29.73 -15.53 5.64
C THR A 1077 30.24 -14.15 5.25
N GLY A 1078 30.11 -13.83 3.97
CA GLY A 1078 30.66 -12.61 3.42
C GLY A 1078 31.91 -12.78 2.59
N ALA A 1079 32.22 -14.01 2.18
CA ALA A 1079 33.48 -14.27 1.48
C ALA A 1079 33.49 -13.79 0.04
N GLY A 1080 32.37 -13.30 -0.49
CA GLY A 1080 32.26 -13.03 -1.91
C GLY A 1080 31.56 -14.13 -2.68
N LYS A 1081 30.91 -15.05 -1.99
CA LYS A 1081 30.33 -16.23 -2.63
C LYS A 1081 29.22 -15.86 -3.60
N SER A 1082 28.12 -15.32 -3.09
CA SER A 1082 27.01 -14.95 -3.95
C SER A 1082 27.36 -13.79 -4.88
N SER A 1083 28.35 -12.99 -4.49
CA SER A 1083 28.77 -11.87 -5.32
C SER A 1083 29.36 -12.33 -6.64
N LEU A 1084 30.02 -13.48 -6.66
CA LEU A 1084 30.44 -14.05 -7.93
C LEU A 1084 29.25 -14.37 -8.81
N ILE A 1085 28.18 -14.92 -8.21
CA ILE A 1085 26.95 -15.15 -8.97
C ILE A 1085 26.46 -13.83 -9.57
N SER A 1086 26.37 -12.80 -8.72
CA SER A 1086 25.88 -11.50 -9.15
C SER A 1086 26.65 -10.97 -10.34
N ALA A 1087 27.98 -11.09 -10.29
CA ALA A 1087 28.80 -10.68 -11.43
C ALA A 1087 28.58 -11.57 -12.63
N LEU A 1088 28.29 -12.86 -12.41
CA LEU A 1088 27.99 -13.75 -13.53
C LEU A 1088 26.75 -13.31 -14.27
N PHE A 1089 25.70 -12.94 -13.54
CA PHE A 1089 24.46 -12.51 -14.17
C PHE A 1089 24.47 -11.03 -14.52
N ARG A 1090 25.57 -10.32 -14.25
CA ARG A 1090 25.68 -8.89 -14.49
C ARG A 1090 24.59 -8.14 -13.73
N LEU A 1091 24.31 -8.60 -12.52
CA LEU A 1091 23.45 -7.85 -11.62
C LEU A 1091 24.01 -6.47 -11.36
N SER A 1092 25.32 -6.36 -11.16
CA SER A 1092 26.04 -5.10 -11.26
C SER A 1092 27.19 -5.29 -12.23
N GLU A 1093 27.28 -4.39 -13.21
CA GLU A 1093 28.16 -4.60 -14.36
C GLU A 1093 29.60 -4.80 -13.92
N PRO A 1094 30.29 -5.83 -14.42
CA PRO A 1094 31.65 -6.10 -13.96
C PRO A 1094 32.69 -5.43 -14.83
N GLU A 1095 33.76 -4.98 -14.18
CA GLU A 1095 34.97 -4.62 -14.89
C GLU A 1095 35.86 -5.85 -14.95
N GLY A 1096 36.37 -6.13 -16.14
CA GLY A 1096 37.06 -7.39 -16.40
C GLY A 1096 36.42 -8.13 -17.54
N LYS A 1097 36.85 -9.38 -17.71
CA LYS A 1097 36.38 -10.18 -18.84
C LYS A 1097 35.86 -11.53 -18.35
N ILE A 1098 34.62 -11.83 -18.66
CA ILE A 1098 34.03 -13.12 -18.32
C ILE A 1098 33.69 -13.82 -19.64
N TRP A 1099 34.31 -14.96 -19.88
CA TRP A 1099 34.22 -15.66 -21.14
C TRP A 1099 33.38 -16.92 -20.99
N ILE A 1100 32.39 -17.06 -21.87
CA ILE A 1100 31.52 -18.23 -21.91
C ILE A 1100 31.55 -18.76 -23.33
N ASP A 1101 32.29 -19.84 -23.55
CA ASP A 1101 32.56 -20.38 -24.89
C ASP A 1101 33.13 -19.30 -25.80
N LYS A 1102 34.17 -18.62 -25.30
CA LYS A 1102 34.86 -17.52 -25.96
C LYS A 1102 33.95 -16.32 -26.21
N ILE A 1103 32.83 -16.22 -25.51
CA ILE A 1103 31.91 -15.10 -25.64
C ILE A 1103 32.00 -14.23 -24.39
N LEU A 1104 32.27 -12.95 -24.59
CA LEU A 1104 32.32 -12.01 -23.48
C LEU A 1104 30.89 -11.69 -23.02
N THR A 1105 30.69 -11.59 -21.71
CA THR A 1105 29.35 -11.36 -21.19
C THR A 1105 28.79 -10.02 -21.62
N THR A 1106 29.60 -8.95 -21.65
CA THR A 1106 29.07 -7.65 -21.98
C THR A 1106 28.74 -7.50 -23.46
N GLU A 1107 29.25 -8.40 -24.30
CA GLU A 1107 28.98 -8.33 -25.73
C GLU A 1107 27.68 -9.01 -26.13
N ILE A 1108 26.95 -9.59 -25.18
CA ILE A 1108 25.71 -10.29 -25.46
C ILE A 1108 24.61 -9.79 -24.55
N GLY A 1109 23.40 -9.71 -25.09
CA GLY A 1109 22.30 -9.10 -24.38
C GLY A 1109 21.96 -9.83 -23.10
N LEU A 1110 21.22 -9.16 -22.23
CA LEU A 1110 20.92 -9.71 -20.92
C LEU A 1110 20.07 -10.97 -21.02
N HIS A 1111 19.05 -10.95 -21.88
CA HIS A 1111 18.21 -12.13 -22.00
C HIS A 1111 18.86 -13.27 -22.75
N ASP A 1112 19.79 -13.00 -23.66
CA ASP A 1112 20.47 -14.13 -24.30
C ASP A 1112 21.41 -14.83 -23.33
N LEU A 1113 21.95 -14.11 -22.37
CA LEU A 1113 22.79 -14.66 -21.31
C LEU A 1113 21.97 -15.38 -20.25
N ARG A 1114 21.07 -14.64 -19.59
CA ARG A 1114 20.42 -15.14 -18.37
C ARG A 1114 19.54 -16.34 -18.66
N LYS A 1115 18.93 -16.40 -19.84
CA LYS A 1115 18.18 -17.60 -20.19
C LYS A 1115 19.11 -18.78 -20.36
N LYS A 1116 20.42 -18.54 -20.45
CA LYS A 1116 21.40 -19.60 -20.63
C LYS A 1116 22.22 -19.89 -19.38
N MET A 1117 21.80 -19.41 -18.22
CA MET A 1117 22.34 -19.89 -16.95
C MET A 1117 21.21 -20.11 -15.96
N SER A 1118 21.02 -21.36 -15.56
CA SER A 1118 20.01 -21.72 -14.59
C SER A 1118 20.56 -21.45 -13.20
N ILE A 1119 19.69 -21.15 -12.25
CA ILE A 1119 20.12 -20.82 -10.90
C ILE A 1119 19.10 -21.27 -9.88
N ILE A 1120 19.58 -21.78 -8.75
CA ILE A 1120 18.77 -22.05 -7.58
C ILE A 1120 19.22 -21.09 -6.48
N PRO A 1121 18.58 -19.95 -6.32
CA PRO A 1121 19.00 -18.98 -5.31
C PRO A 1121 18.85 -19.54 -3.90
N GLN A 1122 19.25 -18.72 -2.93
CA GLN A 1122 19.27 -19.14 -1.54
C GLN A 1122 17.86 -19.42 -1.03
N GLU A 1123 16.90 -18.59 -1.44
CA GLU A 1123 15.51 -18.76 -1.03
C GLU A 1123 14.65 -18.86 -2.28
N PRO A 1124 14.39 -20.07 -2.80
CA PRO A 1124 13.63 -20.17 -4.05
C PRO A 1124 12.26 -19.56 -3.90
N VAL A 1125 11.76 -18.93 -4.95
CA VAL A 1125 10.48 -18.25 -4.89
C VAL A 1125 9.49 -18.98 -5.77
N LEU A 1126 8.32 -19.28 -5.21
CA LEU A 1126 7.17 -19.75 -5.96
C LEU A 1126 6.17 -18.61 -6.12
N PHE A 1127 5.98 -18.16 -7.35
CA PHE A 1127 5.11 -17.04 -7.63
C PHE A 1127 3.67 -17.50 -7.75
N THR A 1128 2.76 -16.62 -7.35
CA THR A 1128 1.35 -16.97 -7.26
C THR A 1128 0.82 -17.39 -8.62
N GLY A 1129 -0.12 -18.33 -8.60
CA GLY A 1129 -0.76 -18.82 -9.79
C GLY A 1129 -0.55 -20.31 -9.94
N THR A 1130 -0.79 -20.79 -11.16
CA THR A 1130 -0.63 -22.19 -11.44
C THR A 1130 0.83 -22.60 -11.27
N MET A 1131 1.05 -23.88 -10.93
CA MET A 1131 2.40 -24.42 -10.98
C MET A 1131 2.93 -24.40 -12.40
N ARG A 1132 2.03 -24.32 -13.38
CA ARG A 1132 2.45 -24.19 -14.77
C ARG A 1132 3.27 -22.92 -14.98
N LYS A 1133 2.82 -21.80 -14.41
CA LYS A 1133 3.54 -20.55 -14.58
C LYS A 1133 4.70 -20.42 -13.59
N ASN A 1134 4.71 -21.26 -12.54
CA ASN A 1134 5.92 -21.37 -11.74
C ASN A 1134 6.94 -22.25 -12.43
N LEU A 1135 6.52 -22.96 -13.47
CA LEU A 1135 7.45 -23.72 -14.29
C LEU A 1135 7.65 -23.08 -15.65
N ASP A 1136 6.56 -22.70 -16.32
CA ASP A 1136 6.62 -22.24 -17.70
C ASP A 1136 5.52 -21.23 -17.94
N PRO A 1137 5.66 -20.00 -17.43
CA PRO A 1137 4.66 -18.97 -17.71
C PRO A 1137 4.74 -18.43 -19.14
N PHE A 1138 5.82 -18.75 -19.87
CA PHE A 1138 5.96 -18.41 -21.28
C PHE A 1138 5.40 -19.50 -22.19
N ASN A 1139 5.14 -20.70 -21.67
CA ASN A 1139 4.48 -21.77 -22.40
C ASN A 1139 5.29 -22.20 -23.63
N GLU A 1140 6.59 -22.44 -23.41
CA GLU A 1140 7.45 -22.89 -24.49
C GLU A 1140 7.50 -24.41 -24.61
N HIS A 1141 6.84 -25.12 -23.70
CA HIS A 1141 6.90 -26.58 -23.64
C HIS A 1141 5.49 -27.17 -23.64
N THR A 1142 5.44 -28.50 -23.56
CA THR A 1142 4.20 -29.24 -23.46
C THR A 1142 4.02 -29.79 -22.05
N ASP A 1143 2.79 -30.23 -21.75
CA ASP A 1143 2.52 -30.79 -20.42
C ASP A 1143 3.33 -32.05 -20.16
N GLU A 1144 3.74 -32.75 -21.22
CA GLU A 1144 4.55 -33.94 -21.06
C GLU A 1144 5.87 -33.62 -20.37
N GLU A 1145 6.54 -32.56 -20.82
CA GLU A 1145 7.80 -32.16 -20.20
C GLU A 1145 7.57 -31.66 -18.78
N LEU A 1146 6.44 -31.00 -18.53
CA LEU A 1146 6.13 -30.57 -17.17
C LEU A 1146 6.01 -31.76 -16.24
N TRP A 1147 5.21 -32.75 -16.60
CA TRP A 1147 5.08 -33.93 -15.76
C TRP A 1147 6.38 -34.71 -15.66
N ASN A 1148 7.17 -34.73 -16.72
CA ASN A 1148 8.49 -35.37 -16.65
C ASN A 1148 9.36 -34.67 -15.63
N ALA A 1149 9.33 -33.34 -15.61
CA ALA A 1149 10.12 -32.60 -14.63
C ALA A 1149 9.63 -32.86 -13.21
N LEU A 1150 8.31 -32.86 -13.02
CA LEU A 1150 7.78 -33.11 -11.68
C LEU A 1150 8.14 -34.50 -11.20
N GLN A 1151 8.06 -35.50 -12.08
CA GLN A 1151 8.49 -36.85 -11.70
C GLN A 1151 9.99 -36.89 -11.49
N GLU A 1152 10.72 -35.97 -12.11
CA GLU A 1152 12.15 -35.85 -11.86
C GLU A 1152 12.43 -35.11 -10.56
N VAL A 1153 11.42 -34.44 -9.99
CA VAL A 1153 11.60 -33.78 -8.70
C VAL A 1153 10.71 -34.47 -7.67
N GLN A 1154 10.12 -35.60 -8.06
CA GLN A 1154 9.28 -36.40 -7.17
C GLN A 1154 8.12 -35.60 -6.59
N LEU A 1155 7.80 -34.45 -7.20
CA LEU A 1155 6.67 -33.65 -6.79
C LEU A 1155 5.40 -33.94 -7.59
N LYS A 1156 5.47 -34.87 -8.54
CA LYS A 1156 4.27 -35.25 -9.29
C LYS A 1156 3.19 -35.76 -8.37
N GLU A 1157 3.56 -36.63 -7.41
CA GLU A 1157 2.58 -37.21 -6.50
C GLU A 1157 2.11 -36.19 -5.48
N THR A 1158 2.98 -35.27 -5.07
CA THR A 1158 2.62 -34.29 -4.06
C THR A 1158 1.58 -33.30 -4.59
N ILE A 1159 1.72 -32.89 -5.84
CA ILE A 1159 0.78 -31.91 -6.39
C ILE A 1159 -0.42 -32.60 -7.02
N GLU A 1160 -0.24 -33.79 -7.60
CA GLU A 1160 -1.35 -34.49 -8.24
C GLU A 1160 -2.47 -34.76 -7.25
N ASP A 1161 -2.13 -35.01 -5.98
CA ASP A 1161 -3.15 -35.19 -4.95
C ASP A 1161 -4.07 -33.98 -4.84
N LEU A 1162 -3.57 -32.80 -5.21
CA LEU A 1162 -4.38 -31.60 -5.18
C LEU A 1162 -5.34 -31.58 -6.36
N PRO A 1163 -6.52 -30.98 -6.21
CA PRO A 1163 -7.47 -30.93 -7.34
C PRO A 1163 -6.98 -30.08 -8.50
N GLY A 1164 -5.92 -29.31 -8.30
CA GLY A 1164 -5.42 -28.37 -9.29
C GLY A 1164 -4.07 -28.76 -9.83
N LYS A 1165 -3.91 -30.03 -10.19
CA LYS A 1165 -2.63 -30.63 -10.59
C LYS A 1165 -1.75 -29.68 -11.40
N MET A 1166 -2.30 -29.04 -12.43
CA MET A 1166 -1.55 -27.98 -13.08
C MET A 1166 -1.93 -26.60 -12.56
N ASP A 1167 -3.12 -26.46 -11.97
CA ASP A 1167 -3.68 -25.15 -11.63
C ASP A 1167 -3.98 -24.99 -10.14
N THR A 1168 -3.25 -25.68 -9.26
CA THR A 1168 -3.46 -25.47 -7.84
C THR A 1168 -3.22 -24.01 -7.49
N GLU A 1169 -4.12 -23.42 -6.71
CA GLU A 1169 -3.94 -22.03 -6.34
C GLU A 1169 -2.83 -21.92 -5.31
N LEU A 1170 -1.59 -22.04 -5.76
CA LEU A 1170 -0.45 -21.66 -4.95
C LEU A 1170 -0.62 -20.22 -4.49
N ALA A 1171 -0.77 -20.02 -3.17
CA ALA A 1171 -1.25 -18.73 -2.76
C ALA A 1171 -0.15 -17.68 -2.75
N GLU A 1172 0.75 -17.71 -1.76
CA GLU A 1172 1.94 -16.87 -1.71
C GLU A 1172 2.65 -17.03 -0.37
N SER A 1173 3.86 -16.46 -0.30
CA SER A 1173 4.70 -16.34 0.89
C SER A 1173 5.39 -17.64 1.28
N GLY A 1174 5.02 -18.74 0.63
CA GLY A 1174 5.65 -20.01 0.89
C GLY A 1174 5.51 -20.52 2.31
N SER A 1175 4.31 -20.42 2.88
CA SER A 1175 4.04 -20.96 4.20
C SER A 1175 3.11 -22.16 4.11
N ASN A 1176 2.82 -22.62 2.90
CA ASN A 1176 1.97 -23.78 2.66
C ASN A 1176 2.71 -24.86 1.87
N PHE A 1177 4.02 -24.93 2.06
CA PHE A 1177 4.88 -25.93 1.43
C PHE A 1177 6.07 -26.20 2.35
N SER A 1178 6.73 -27.32 2.10
CA SER A 1178 7.95 -27.67 2.83
C SER A 1178 9.13 -26.86 2.30
N VAL A 1179 10.03 -26.52 3.22
CA VAL A 1179 11.12 -25.61 2.90
C VAL A 1179 12.04 -26.20 1.84
N GLY A 1180 12.23 -27.51 1.87
CA GLY A 1180 13.23 -28.17 1.06
C GLY A 1180 12.78 -28.67 -0.30
N GLN A 1181 11.53 -28.38 -0.69
CA GLN A 1181 11.03 -28.95 -1.93
C GLN A 1181 10.97 -27.95 -3.08
N ARG A 1182 10.73 -26.67 -2.80
CA ARG A 1182 10.57 -25.71 -3.88
C ARG A 1182 11.86 -25.55 -4.68
N GLN A 1183 13.01 -25.78 -4.01
CA GLN A 1183 14.30 -25.76 -4.69
C GLN A 1183 14.34 -26.75 -5.83
N LEU A 1184 13.54 -27.81 -5.73
CA LEU A 1184 13.44 -28.79 -6.82
C LEU A 1184 12.74 -28.17 -8.03
N VAL A 1185 11.68 -27.40 -7.80
CA VAL A 1185 10.95 -26.80 -8.90
C VAL A 1185 11.90 -25.98 -9.78
N CYS A 1186 12.79 -25.22 -9.13
CA CYS A 1186 13.77 -24.43 -9.86
C CYS A 1186 14.57 -25.29 -10.84
N LEU A 1187 15.07 -26.44 -10.37
CA LEU A 1187 15.84 -27.28 -11.29
C LEU A 1187 14.93 -27.85 -12.36
N ALA A 1188 13.67 -28.14 -12.03
CA ALA A 1188 12.71 -28.47 -13.06
C ALA A 1188 12.58 -27.32 -14.05
N ARG A 1189 12.53 -26.08 -13.55
CA ARG A 1189 12.65 -24.92 -14.42
C ARG A 1189 13.88 -25.07 -15.30
N ALA A 1190 15.03 -25.35 -14.68
CA ALA A 1190 16.26 -25.60 -15.42
C ALA A 1190 16.08 -26.76 -16.40
N ILE A 1191 15.38 -27.81 -15.96
CA ILE A 1191 15.13 -28.96 -16.82
C ILE A 1191 14.37 -28.52 -18.06
N LEU A 1192 13.42 -27.61 -17.89
CA LEU A 1192 12.71 -27.08 -19.04
C LEU A 1192 13.65 -26.32 -19.97
N ARG A 1193 14.59 -25.58 -19.38
CA ARG A 1193 15.44 -24.69 -20.15
C ARG A 1193 16.71 -25.35 -20.66
N LYS A 1194 17.14 -26.43 -20.01
CA LYS A 1194 18.30 -27.21 -20.46
C LYS A 1194 19.51 -26.30 -20.66
N ASN A 1195 20.00 -25.76 -19.55
CA ASN A 1195 21.20 -24.94 -19.55
C ASN A 1195 22.38 -25.78 -19.13
N GLN A 1196 23.49 -25.66 -19.87
CA GLN A 1196 24.72 -26.34 -19.47
C GLN A 1196 25.33 -25.75 -18.22
N ILE A 1197 24.86 -24.59 -17.75
CA ILE A 1197 25.45 -23.92 -16.60
C ILE A 1197 24.37 -23.76 -15.53
N LEU A 1198 24.48 -24.56 -14.47
CA LEU A 1198 23.58 -24.50 -13.33
C LEU A 1198 24.35 -23.89 -12.17
N ILE A 1199 23.72 -22.94 -11.47
CA ILE A 1199 24.38 -22.19 -10.41
C ILE A 1199 23.52 -22.28 -9.16
N ILE A 1200 24.03 -22.99 -8.15
CA ILE A 1200 23.27 -23.27 -6.94
C ILE A 1200 23.85 -22.40 -5.83
N ASP A 1201 22.98 -21.72 -5.10
CA ASP A 1201 23.40 -20.77 -4.08
C ASP A 1201 22.77 -21.16 -2.75
N GLN A 1202 23.43 -22.05 -2.02
CA GLN A 1202 23.01 -22.41 -0.66
C GLN A 1202 21.59 -22.97 -0.67
N ALA A 1203 21.35 -23.94 -1.55
CA ALA A 1203 20.04 -24.57 -1.66
C ALA A 1203 19.68 -25.30 -0.38
N THR A 1204 20.43 -26.36 -0.05
CA THR A 1204 20.11 -27.21 1.08
C THR A 1204 20.77 -26.69 2.34
N ALA A 1205 20.33 -25.50 2.77
CA ALA A 1205 20.82 -24.89 3.98
C ALA A 1205 19.90 -25.11 5.17
N ASN A 1206 18.60 -25.21 4.93
CA ASN A 1206 17.63 -25.40 6.01
C ASN A 1206 16.95 -26.75 5.84
N VAL A 1207 17.72 -27.76 5.41
CA VAL A 1207 17.17 -29.05 5.07
C VAL A 1207 17.95 -30.14 5.79
N ASP A 1208 17.29 -31.24 6.11
CA ASP A 1208 17.90 -32.42 6.75
C ASP A 1208 18.61 -33.23 5.69
N PRO A 1209 19.50 -34.14 6.09
CA PRO A 1209 20.19 -35.01 5.13
C PRO A 1209 19.32 -35.67 4.07
N ARG A 1210 18.01 -35.81 4.29
CA ARG A 1210 17.15 -36.44 3.30
C ARG A 1210 17.21 -35.75 1.94
N THR A 1211 16.68 -34.53 1.88
CA THR A 1211 16.76 -33.78 0.65
C THR A 1211 18.16 -33.23 0.43
N ASP A 1212 18.91 -33.06 1.52
CA ASP A 1212 20.31 -32.64 1.47
C ASP A 1212 21.18 -33.69 0.79
N GLU A 1213 20.63 -34.87 0.53
CA GLU A 1213 21.27 -35.80 -0.38
C GLU A 1213 20.51 -35.97 -1.69
N LEU A 1214 19.17 -35.99 -1.65
CA LEU A 1214 18.46 -36.29 -2.88
C LEU A 1214 18.71 -35.23 -3.95
N ILE A 1215 18.75 -33.95 -3.56
CA ILE A 1215 18.97 -32.90 -4.57
C ILE A 1215 20.30 -33.11 -5.27
N GLN A 1216 21.38 -33.31 -4.52
CA GLN A 1216 22.69 -33.42 -5.14
C GLN A 1216 22.83 -34.70 -5.96
N LYS A 1217 22.31 -35.82 -5.48
CA LYS A 1217 22.37 -37.04 -6.28
C LYS A 1217 21.56 -36.91 -7.57
N LYS A 1218 20.36 -36.33 -7.49
CA LYS A 1218 19.58 -36.13 -8.70
C LYS A 1218 20.27 -35.15 -9.64
N ILE A 1219 21.00 -34.17 -9.09
CA ILE A 1219 21.77 -33.27 -9.93
C ILE A 1219 22.89 -34.02 -10.64
N ARG A 1220 23.60 -34.86 -9.90
CA ARG A 1220 24.68 -35.64 -10.50
C ARG A 1220 24.15 -36.53 -11.61
N GLU A 1221 22.97 -37.12 -11.42
CA GLU A 1221 22.36 -37.90 -12.49
C GLU A 1221 21.92 -37.01 -13.64
N LYS A 1222 21.48 -35.79 -13.35
CA LYS A 1222 20.91 -34.93 -14.38
C LYS A 1222 21.87 -33.86 -14.89
N PHE A 1223 22.60 -33.20 -13.99
CA PHE A 1223 23.56 -32.18 -14.40
C PHE A 1223 24.98 -32.72 -14.45
N ALA A 1224 25.15 -34.01 -14.77
CA ALA A 1224 26.48 -34.53 -15.04
C ALA A 1224 27.08 -33.85 -16.25
N HIS A 1225 26.28 -33.63 -17.28
CA HIS A 1225 26.71 -32.94 -18.48
C HIS A 1225 26.63 -31.43 -18.37
N CYS A 1226 26.20 -30.92 -17.22
CA CYS A 1226 26.05 -29.48 -17.02
C CYS A 1226 27.03 -28.98 -15.95
N THR A 1227 27.65 -27.85 -16.23
CA THR A 1227 28.58 -27.25 -15.28
C THR A 1227 27.84 -26.74 -14.06
N VAL A 1228 28.11 -27.35 -12.91
CA VAL A 1228 27.42 -27.03 -11.66
C VAL A 1228 28.33 -26.12 -10.85
N LEU A 1229 27.74 -25.06 -10.28
CA LEU A 1229 28.49 -24.05 -9.56
C LEU A 1229 27.84 -23.89 -8.19
N THR A 1230 28.33 -24.63 -7.20
CA THR A 1230 27.61 -24.83 -5.94
C THR A 1230 28.20 -23.94 -4.85
N ILE A 1231 27.34 -23.25 -4.13
CA ILE A 1231 27.72 -22.44 -2.98
C ILE A 1231 26.98 -22.97 -1.76
N ALA A 1232 27.71 -23.33 -0.71
CA ALA A 1232 27.09 -23.86 0.51
C ALA A 1232 28.06 -23.80 1.68
N HIS A 1233 27.48 -23.84 2.88
CA HIS A 1233 28.25 -23.99 4.12
C HIS A 1233 28.51 -25.44 4.48
N ARG A 1234 27.62 -26.35 4.11
CA ARG A 1234 27.72 -27.75 4.48
C ARG A 1234 28.79 -28.41 3.62
N LEU A 1235 29.88 -28.83 4.27
CA LEU A 1235 31.01 -29.40 3.52
C LEU A 1235 30.70 -30.80 3.02
N ASN A 1236 29.69 -31.45 3.60
CA ASN A 1236 29.25 -32.74 3.08
C ASN A 1236 28.72 -32.61 1.66
N THR A 1237 27.97 -31.56 1.37
CA THR A 1237 27.35 -31.35 0.08
C THR A 1237 28.34 -31.00 -1.02
N ILE A 1238 29.60 -30.69 -0.67
CA ILE A 1238 30.57 -30.19 -1.62
C ILE A 1238 31.81 -31.06 -1.70
N ILE A 1239 31.92 -32.09 -0.86
CA ILE A 1239 33.18 -32.80 -0.71
C ILE A 1239 33.66 -33.45 -2.00
N ASP A 1240 32.74 -33.78 -2.90
CA ASP A 1240 33.09 -34.42 -4.17
C ASP A 1240 33.09 -33.45 -5.33
N SER A 1241 33.15 -32.14 -5.06
CA SER A 1241 33.23 -31.16 -6.13
C SER A 1241 34.51 -31.37 -6.93
N ASP A 1242 34.39 -31.23 -8.26
CA ASP A 1242 35.57 -31.40 -9.10
C ASP A 1242 36.62 -30.36 -8.78
N LYS A 1243 36.21 -29.16 -8.40
CA LYS A 1243 37.11 -28.14 -7.89
C LYS A 1243 36.43 -27.39 -6.75
N ILE A 1244 37.21 -26.60 -6.01
CA ILE A 1244 36.68 -25.68 -5.02
C ILE A 1244 37.31 -24.31 -5.23
N MET A 1245 36.47 -23.28 -5.27
CA MET A 1245 36.92 -21.90 -5.17
C MET A 1245 36.77 -21.47 -3.71
N VAL A 1246 37.88 -21.27 -3.03
CA VAL A 1246 37.89 -20.76 -1.67
C VAL A 1246 37.95 -19.25 -1.77
N LEU A 1247 36.99 -18.58 -1.15
CA LEU A 1247 36.97 -17.12 -1.11
C LEU A 1247 37.18 -16.67 0.32
N ASP A 1248 38.08 -15.70 0.50
CA ASP A 1248 38.25 -15.06 1.80
C ASP A 1248 38.14 -13.57 1.61
N SER A 1249 37.15 -12.97 2.29
CA SER A 1249 36.95 -11.52 2.29
C SER A 1249 36.96 -10.94 0.88
N GLY A 1250 36.58 -11.75 -0.09
CA GLY A 1250 36.44 -11.29 -1.45
C GLY A 1250 37.57 -11.61 -2.40
N ARG A 1251 38.53 -12.45 -2.00
CA ARG A 1251 39.57 -12.88 -2.91
C ARG A 1251 39.62 -14.39 -3.03
N LEU A 1252 40.00 -14.85 -4.22
CA LEU A 1252 40.17 -16.27 -4.48
C LEU A 1252 41.49 -16.73 -3.87
N LYS A 1253 41.40 -17.40 -2.72
CA LYS A 1253 42.58 -17.83 -1.99
C LYS A 1253 43.15 -19.13 -2.56
N GLU A 1254 42.36 -20.19 -2.60
CA GLU A 1254 42.80 -21.48 -3.13
C GLU A 1254 41.81 -21.97 -4.17
N TYR A 1255 42.35 -22.47 -5.29
CA TYR A 1255 41.55 -23.06 -6.37
C TYR A 1255 42.21 -24.38 -6.77
N ASP A 1256 41.81 -25.45 -6.09
CA ASP A 1256 42.38 -26.76 -6.32
C ASP A 1256 41.40 -27.79 -5.75
N GLU A 1257 41.56 -29.05 -6.14
CA GLU A 1257 40.57 -30.05 -5.73
C GLU A 1257 40.54 -30.18 -4.21
N PRO A 1258 39.39 -30.55 -3.63
CA PRO A 1258 39.26 -30.54 -2.16
C PRO A 1258 40.27 -31.42 -1.45
N TYR A 1259 40.66 -32.54 -2.07
CA TYR A 1259 41.67 -33.40 -1.44
C TYR A 1259 43.00 -32.68 -1.31
N VAL A 1260 43.43 -31.95 -2.34
CA VAL A 1260 44.69 -31.22 -2.24
C VAL A 1260 44.57 -30.12 -1.20
N LEU A 1261 43.41 -29.48 -1.12
CA LEU A 1261 43.22 -28.43 -0.12
C LEU A 1261 43.20 -29.01 1.29
N LEU A 1262 42.79 -30.27 1.44
CA LEU A 1262 42.95 -30.95 2.72
C LEU A 1262 44.37 -31.44 2.94
N GLN A 1263 45.15 -31.62 1.87
CA GLN A 1263 46.56 -31.97 2.01
C GLN A 1263 47.32 -30.87 2.76
N ASN A 1264 47.08 -29.61 2.39
CA ASN A 1264 47.71 -28.48 3.07
C ASN A 1264 47.03 -28.33 4.42
N LYS A 1265 47.74 -28.72 5.48
CA LYS A 1265 47.19 -28.62 6.83
C LYS A 1265 46.93 -27.18 7.22
N GLU A 1266 47.61 -26.22 6.60
CA GLU A 1266 47.41 -24.81 6.88
C GLU A 1266 46.30 -24.19 6.05
N SER A 1267 45.71 -24.95 5.12
CA SER A 1267 44.63 -24.42 4.30
C SER A 1267 43.42 -24.09 5.16
N LEU A 1268 42.73 -23.01 4.77
CA LEU A 1268 41.53 -22.60 5.49
C LEU A 1268 40.40 -23.61 5.32
N PHE A 1269 40.37 -24.28 4.16
CA PHE A 1269 39.33 -25.28 3.91
C PHE A 1269 39.44 -26.44 4.90
N TYR A 1270 40.67 -26.91 5.15
CA TYR A 1270 40.87 -27.98 6.12
C TYR A 1270 40.52 -27.51 7.53
N LYS A 1271 40.78 -26.25 7.84
CA LYS A 1271 40.38 -25.70 9.14
C LYS A 1271 38.86 -25.70 9.28
N MET A 1272 38.16 -25.30 8.22
CA MET A 1272 36.70 -25.34 8.23
C MET A 1272 36.21 -26.76 8.44
N VAL A 1273 36.85 -27.73 7.79
CA VAL A 1273 36.48 -29.13 7.97
C VAL A 1273 36.69 -29.56 9.42
N GLN A 1274 37.85 -29.21 9.99
CA GLN A 1274 38.17 -29.63 11.34
C GLN A 1274 37.29 -28.98 12.40
N GLN A 1275 36.78 -27.78 12.13
CA GLN A 1275 35.96 -27.09 13.12
C GLN A 1275 34.61 -27.78 13.35
N LEU A 1276 34.24 -28.72 12.50
CA LEU A 1276 32.99 -29.46 12.65
C LEU A 1276 33.09 -30.60 13.65
N GLY A 1277 34.28 -30.92 14.14
CA GLY A 1277 34.49 -32.07 15.00
C GLY A 1277 35.47 -33.05 14.41
N LYS A 1278 36.14 -33.81 15.29
CA LYS A 1278 37.25 -34.65 14.86
C LYS A 1278 36.79 -35.77 13.95
N ALA A 1279 35.80 -36.54 14.37
CA ALA A 1279 35.35 -37.69 13.58
C ALA A 1279 34.74 -37.23 12.26
N GLU A 1280 33.92 -36.18 12.30
CA GLU A 1280 33.28 -35.70 11.07
C GLU A 1280 34.31 -35.13 10.10
N ALA A 1281 35.31 -34.40 10.62
CA ALA A 1281 36.37 -33.90 9.76
C ALA A 1281 37.16 -35.04 9.15
N ALA A 1282 37.47 -36.07 9.94
CA ALA A 1282 38.14 -37.24 9.38
C ALA A 1282 37.29 -37.87 8.29
N ALA A 1283 35.98 -37.99 8.52
CA ALA A 1283 35.08 -38.59 7.53
C ALA A 1283 35.13 -37.82 6.22
N LEU A 1284 35.00 -36.50 6.30
CA LEU A 1284 35.17 -35.66 5.11
C LEU A 1284 36.52 -35.90 4.47
N THR A 1285 37.54 -36.16 5.28
CA THR A 1285 38.88 -36.39 4.74
C THR A 1285 38.90 -37.63 3.86
N GLU A 1286 38.43 -38.78 4.36
CA GLU A 1286 38.52 -39.95 3.48
C GLU A 1286 37.55 -39.82 2.32
N THR A 1287 36.44 -39.08 2.51
CA THR A 1287 35.50 -38.92 1.41
C THR A 1287 36.15 -38.17 0.26
N ALA A 1288 36.78 -37.04 0.55
CA ALA A 1288 37.50 -36.30 -0.48
C ALA A 1288 38.64 -37.13 -1.05
N LYS A 1289 39.32 -37.89 -0.20
CA LYS A 1289 40.42 -38.74 -0.67
C LYS A 1289 39.92 -39.76 -1.68
N GLN A 1290 38.79 -40.42 -1.37
CA GLN A 1290 38.22 -41.40 -2.27
C GLN A 1290 37.81 -40.76 -3.59
N VAL A 1291 37.17 -39.58 -3.52
CA VAL A 1291 36.75 -38.91 -4.74
C VAL A 1291 37.96 -38.58 -5.61
N TYR A 1292 39.01 -38.04 -4.98
CA TYR A 1292 40.22 -37.66 -5.71
C TYR A 1292 40.87 -38.87 -6.37
N PHE A 1293 41.05 -39.94 -5.61
CA PHE A 1293 41.73 -41.12 -6.15
C PHE A 1293 40.90 -41.78 -7.24
N LYS A 1294 39.59 -41.90 -7.05
CA LYS A 1294 38.74 -42.52 -8.06
C LYS A 1294 38.71 -41.69 -9.34
N ARG A 1295 38.64 -40.36 -9.22
CA ARG A 1295 38.65 -39.50 -10.38
C ARG A 1295 39.98 -39.59 -11.12
N ASN A 1296 41.09 -39.57 -10.40
CA ASN A 1296 42.39 -39.40 -11.03
C ASN A 1296 43.08 -40.71 -11.41
N TYR A 1297 42.81 -41.80 -10.68
CA TYR A 1297 43.52 -43.06 -10.89
C TYR A 1297 42.52 -44.21 -10.98
N PRO A 1298 41.83 -44.34 -12.13
CA PRO A 1298 40.87 -45.44 -12.34
C PRO A 1298 41.54 -46.78 -12.52
#